data_5FJ6
#
_entry.id   5FJ6
#
_cell.length_a   1.000
_cell.length_b   1.000
_cell.length_c   1.000
_cell.angle_alpha   90.00
_cell.angle_beta   90.00
_cell.angle_gamma   90.00
#
_symmetry.space_group_name_H-M   'P 1'
#
loop_
_entity.id
_entity.type
_entity.pdbx_description
1 polymer 'RNA-DIRECTED RNA POLYMERASE'
2 non-polymer 'MANGANESE (II) ION'
#
_entity_poly.entity_id   1
_entity_poly.type   'polypeptide(L)'
_entity_poly.pdbx_seq_one_letter_code
;PRRAPAFPLSDIKAQMLFANNIKAQQASKRSFKEGAIETYEGLLSVDPRFLSFKNELSRYLTDHFPANVDEYGRVYGNGV
RTNFFGMRHMNGFPMIPATWPLASNLKKRADADLADGPVSERDNLLFRAAVRLMFSDLEPVPLKIRKGSSTCIPYFSNDM
GTKIEIAERALEKAEEAGNLMLQGKFDDAYQLHQMGGAYYVVYRAQSTDAITLDPKTGKFVSKDRMVADFEYAVTGGEQG
SLFAASKDASRLKEQYGIDVPDGFFCERRRTAMGGPFALNAPIMAVAQPVRNKIYSKYAYTFHHTTRLNKEEKVKEWSLC
VATDVSDHDTFWPGWLRDLICDELLNMGYAPWWVKLFETSLKLPVYVGAPAPEQGHTLLGDPSNPDLEVGLSSGQGATDL
MGTLLMSITYLVMQLDHTAPHLNSRIKDMPSACRFLDSYWQGHEEIRQISKSDDAMLGWTKGRALVGGHRLFEMLKEGKV
NPSPYMKISYEHGGAFLGDILLYDSRREPGSAIFVGNINSMLNNQFSPEYGVQSGVRDRSKRKRPFPGLAWASMKDTYGA
CPIYSDVLEAIERCWWNAFGESYRAYREDMLKRDTLELSRYVASMARQAGLAELTPIDLEVLADPNKLQYKWTEADVSAN
IHEVLMHGVSVEKTERFLRSVMPR
;
_entity_poly.pdbx_strand_id   A
#
loop_
_chem_comp.id
_chem_comp.type
_chem_comp.name
_chem_comp.formula
MN non-polymer 'MANGANESE (II) ION' 'Mn 2'
#
# COMPACT_ATOMS: atom_id res chain seq x y z
N PRO A 1 2.41 11.10 27.40
CA PRO A 1 3.33 11.24 26.26
C PRO A 1 4.32 10.10 26.18
N ARG A 2 5.25 10.07 27.14
CA ARG A 2 6.30 9.06 27.19
C ARG A 2 7.02 8.94 25.85
N ARG A 3 8.10 9.70 25.73
CA ARG A 3 8.89 9.64 24.53
C ARG A 3 9.43 8.26 24.28
N ALA A 4 9.28 7.80 23.04
CA ALA A 4 10.01 6.63 22.58
C ALA A 4 11.45 7.08 22.50
N PRO A 5 12.36 6.33 23.15
CA PRO A 5 13.67 6.93 23.39
C PRO A 5 14.37 7.34 22.11
N ALA A 6 14.97 8.52 22.15
CA ALA A 6 15.54 9.13 20.96
C ALA A 6 17.04 8.99 20.97
N PHE A 7 17.49 7.76 20.81
CA PHE A 7 18.91 7.45 20.85
C PHE A 7 19.57 8.19 19.70
N PRO A 8 20.84 8.57 19.88
CA PRO A 8 21.53 9.18 18.77
C PRO A 8 21.63 8.18 17.64
N LEU A 9 21.59 8.67 16.40
CA LEU A 9 21.88 7.83 15.25
C LEU A 9 23.05 6.92 15.54
N SER A 10 24.14 7.51 16.00
CA SER A 10 25.29 6.73 16.39
C SER A 10 24.88 5.82 17.52
N ASP A 11 24.96 4.52 17.28
CA ASP A 11 24.77 3.54 18.33
C ASP A 11 25.23 2.19 17.80
N ILE A 12 25.69 1.33 18.70
CA ILE A 12 26.14 0.02 18.27
C ILE A 12 24.98 -0.77 17.71
N LYS A 13 23.79 -0.58 18.27
CA LYS A 13 22.59 -1.21 17.73
C LYS A 13 22.36 -0.74 16.32
N ALA A 14 22.65 0.55 16.08
CA ALA A 14 22.47 1.12 14.76
C ALA A 14 23.41 0.42 13.81
N GLN A 15 24.52 -0.05 14.36
CA GLN A 15 25.53 -0.73 13.57
C GLN A 15 25.14 -2.17 13.27
N MET A 16 24.55 -2.83 14.26
CA MET A 16 24.43 -4.28 14.22
C MET A 16 23.53 -4.70 13.07
N LEU A 17 22.55 -3.87 12.76
CA LEU A 17 21.71 -4.11 11.61
C LEU A 17 22.52 -4.02 10.35
N PHE A 18 23.15 -2.87 10.17
CA PHE A 18 23.81 -2.54 8.92
C PHE A 18 25.03 -3.42 8.75
N ALA A 19 25.43 -3.62 7.50
CA ALA A 19 26.58 -4.44 7.19
C ALA A 19 27.88 -3.69 7.49
N ASN A 20 27.75 -2.46 7.95
CA ASN A 20 28.90 -1.61 8.27
C ASN A 20 29.78 -1.45 7.04
N ASN A 21 29.14 -1.29 5.88
CA ASN A 21 29.87 -1.16 4.64
C ASN A 21 29.58 0.17 3.96
N ILE A 22 29.54 0.12 2.64
CA ILE A 22 29.17 1.24 1.81
C ILE A 22 27.77 1.68 2.19
N LYS A 23 26.79 1.04 1.55
CA LYS A 23 25.39 1.45 1.71
C LYS A 23 24.94 1.39 3.14
N ALA A 24 25.55 0.52 3.94
CA ALA A 24 25.16 0.35 5.32
C ALA A 24 25.43 1.63 6.10
N GLN A 25 26.70 1.95 6.27
CA GLN A 25 27.08 3.12 7.03
C GLN A 25 26.57 4.37 6.36
N GLN A 26 26.51 4.36 5.03
CA GLN A 26 25.98 5.52 4.33
C GLN A 26 24.54 5.76 4.73
N ALA A 27 23.75 4.70 4.72
CA ALA A 27 22.34 4.81 5.06
C ALA A 27 22.17 5.22 6.48
N SER A 28 23.09 4.79 7.35
CA SER A 28 23.07 5.26 8.72
C SER A 28 23.25 6.76 8.67
N LYS A 29 24.14 7.18 7.79
CA LYS A 29 24.63 8.54 7.77
C LYS A 29 23.93 9.32 6.69
N ARG A 30 22.86 8.74 6.16
CA ARG A 30 22.27 9.24 4.94
C ARG A 30 21.69 10.63 5.09
N SER A 31 21.98 11.47 4.10
CA SER A 31 21.42 12.81 4.03
C SER A 31 20.05 12.76 3.38
N PHE A 32 19.34 13.87 3.42
CA PHE A 32 18.05 13.96 2.77
C PHE A 32 18.18 13.78 1.27
N LYS A 33 17.59 12.70 0.76
CA LYS A 33 17.49 12.49 -0.68
C LYS A 33 16.55 13.51 -1.30
N GLU A 34 16.96 13.97 -2.48
CA GLU A 34 16.19 14.91 -3.27
C GLU A 34 16.74 14.86 -4.68
N GLY A 35 15.91 15.11 -5.67
CA GLY A 35 16.36 15.02 -7.05
C GLY A 35 15.25 14.70 -8.01
N ALA A 36 15.17 15.45 -9.10
CA ALA A 36 14.14 15.19 -10.09
C ALA A 36 14.34 13.80 -10.63
N ILE A 37 13.26 13.05 -10.70
CA ILE A 37 13.35 11.71 -11.26
C ILE A 37 13.51 11.90 -12.73
N GLU A 38 14.27 11.01 -13.35
CA GLU A 38 14.37 11.04 -14.79
C GLU A 38 13.06 10.46 -15.26
N THR A 39 12.04 11.31 -15.33
CA THR A 39 10.66 10.86 -15.43
C THR A 39 10.48 10.01 -16.68
N TYR A 40 11.32 10.29 -17.67
CA TYR A 40 11.51 9.40 -18.80
C TYR A 40 13.01 9.40 -19.00
N GLU A 41 13.63 8.28 -19.38
CA GLU A 41 15.08 8.37 -19.53
C GLU A 41 15.39 9.39 -20.60
N GLY A 42 16.36 10.25 -20.29
CA GLY A 42 16.58 11.42 -21.10
C GLY A 42 15.56 12.49 -20.80
N LEU A 43 14.84 12.33 -19.69
CA LEU A 43 13.78 13.30 -19.38
C LEU A 43 13.44 13.29 -17.90
N LEU A 44 13.95 14.28 -17.17
CA LEU A 44 13.63 14.44 -15.77
C LEU A 44 12.19 14.87 -15.55
N SER A 45 11.89 15.26 -14.33
CA SER A 45 10.58 15.82 -14.01
C SER A 45 10.52 17.33 -14.26
N VAL A 46 11.67 17.92 -14.56
CA VAL A 46 11.79 19.38 -14.50
C VAL A 46 11.60 20.14 -15.81
N ASP A 47 11.40 19.46 -16.94
CA ASP A 47 11.40 20.22 -18.18
C ASP A 47 10.21 21.15 -18.29
N PRO A 48 10.50 22.44 -18.41
CA PRO A 48 9.52 23.52 -18.50
C PRO A 48 8.55 23.42 -19.66
N ARG A 49 8.98 22.97 -20.83
CA ARG A 49 8.06 22.88 -21.94
C ARG A 49 7.07 21.77 -21.66
N PHE A 50 7.58 20.72 -21.02
CA PHE A 50 6.70 19.66 -20.56
C PHE A 50 5.83 20.17 -19.42
N LEU A 51 6.34 21.14 -18.68
CA LEU A 51 5.55 21.70 -17.59
C LEU A 51 4.36 22.45 -18.18
N SER A 52 4.59 23.13 -19.29
CA SER A 52 3.53 23.78 -20.01
C SER A 52 2.61 22.72 -20.58
N PHE A 53 3.19 21.56 -20.87
CA PHE A 53 2.39 20.44 -21.30
C PHE A 53 1.42 20.04 -20.19
N LYS A 54 1.89 20.09 -18.95
CA LYS A 54 0.99 19.87 -17.82
C LYS A 54 -0.05 20.94 -17.78
N ASN A 55 0.38 22.14 -18.14
CA ASN A 55 -0.46 23.31 -17.98
C ASN A 55 -1.68 23.10 -18.85
N GLU A 56 -1.42 22.86 -20.13
CA GLU A 56 -2.48 22.61 -21.09
C GLU A 56 -3.26 21.39 -20.68
N LEU A 57 -2.55 20.43 -20.11
CA LEU A 57 -3.14 19.13 -19.89
C LEU A 57 -4.23 19.29 -18.85
N SER A 58 -3.83 19.51 -17.60
CA SER A 58 -4.78 19.59 -16.52
C SER A 58 -5.77 20.72 -16.71
N ARG A 59 -5.30 21.88 -17.19
CA ARG A 59 -6.22 23.01 -17.33
C ARG A 59 -7.27 22.70 -18.38
N TYR A 60 -6.81 22.58 -19.61
CA TYR A 60 -7.69 22.54 -20.76
C TYR A 60 -8.58 21.32 -20.66
N LEU A 61 -8.07 20.25 -20.07
CA LEU A 61 -8.85 19.03 -20.03
C LEU A 61 -9.81 18.96 -18.88
N THR A 62 -9.38 19.38 -17.69
CA THR A 62 -10.29 19.34 -16.56
C THR A 62 -11.42 20.27 -16.93
N ASP A 63 -11.03 21.32 -17.64
CA ASP A 63 -11.95 22.24 -18.26
C ASP A 63 -12.95 21.44 -19.05
N HIS A 64 -12.45 20.73 -20.04
CA HIS A 64 -13.32 19.96 -20.90
C HIS A 64 -13.94 18.80 -20.18
N PHE A 65 -13.31 18.35 -19.11
CA PHE A 65 -13.79 17.14 -18.48
C PHE A 65 -13.90 17.23 -16.97
N PRO A 66 -14.94 17.91 -16.50
CA PRO A 66 -15.35 17.90 -15.08
C PRO A 66 -15.81 16.52 -14.62
N ALA A 67 -15.58 16.24 -13.35
CA ALA A 67 -15.88 14.94 -12.75
C ALA A 67 -17.37 14.58 -12.78
N ASN A 68 -17.67 13.28 -12.83
CA ASN A 68 -19.07 12.83 -12.78
C ASN A 68 -19.35 11.77 -11.73
N VAL A 69 -19.21 12.16 -10.46
CA VAL A 69 -19.61 11.32 -9.35
C VAL A 69 -20.77 12.00 -8.65
N ASP A 70 -21.79 11.24 -8.26
CA ASP A 70 -22.96 11.91 -7.71
C ASP A 70 -22.84 12.08 -6.20
N GLU A 71 -23.94 12.50 -5.60
CA GLU A 71 -24.01 12.95 -4.21
C GLU A 71 -23.60 11.84 -3.30
N TYR A 72 -23.96 10.64 -3.73
CA TYR A 72 -23.81 9.47 -2.92
C TYR A 72 -22.36 9.07 -2.94
N GLY A 73 -21.62 9.70 -3.84
CA GLY A 73 -20.25 9.33 -4.06
C GLY A 73 -20.17 8.21 -5.07
N ARG A 74 -21.33 7.77 -5.54
CA ARG A 74 -21.38 6.81 -6.62
C ARG A 74 -21.31 7.56 -7.96
N VAL A 75 -20.77 6.88 -8.97
CA VAL A 75 -20.21 7.57 -10.13
C VAL A 75 -21.09 7.48 -11.39
N TYR A 76 -21.04 8.50 -12.23
CA TYR A 76 -21.77 8.51 -13.49
C TYR A 76 -20.94 9.19 -14.58
N GLY A 77 -21.58 9.54 -15.67
CA GLY A 77 -21.00 10.44 -16.66
C GLY A 77 -19.65 10.05 -17.23
N ASN A 78 -18.75 11.01 -17.28
CA ASN A 78 -17.41 10.79 -17.82
C ASN A 78 -16.66 9.83 -16.93
N GLY A 79 -17.07 9.81 -15.66
CA GLY A 79 -16.47 8.96 -14.66
C GLY A 79 -15.27 9.60 -14.00
N VAL A 80 -14.94 10.82 -14.41
CA VAL A 80 -13.87 11.55 -13.76
C VAL A 80 -14.33 11.80 -12.33
N ARG A 81 -13.38 11.76 -11.41
CA ARG A 81 -13.65 12.07 -10.02
C ARG A 81 -12.56 12.94 -9.47
N THR A 82 -11.68 13.43 -10.35
CA THR A 82 -10.42 13.96 -9.89
C THR A 82 -9.92 15.14 -10.70
N ASN A 83 -9.29 16.10 -10.02
CA ASN A 83 -8.62 17.19 -10.70
C ASN A 83 -7.50 16.59 -11.51
N PHE A 84 -7.22 17.14 -12.67
CA PHE A 84 -6.10 16.63 -13.45
C PHE A 84 -4.87 17.32 -12.91
N PHE A 85 -5.12 18.27 -12.03
CA PHE A 85 -4.09 19.19 -11.59
C PHE A 85 -3.20 18.48 -10.58
N GLY A 86 -3.58 17.25 -10.25
CA GLY A 86 -2.76 16.44 -9.38
C GLY A 86 -1.45 16.14 -10.07
N MET A 87 -1.36 16.39 -11.37
CA MET A 87 -0.06 16.36 -12.06
C MET A 87 0.84 17.48 -11.59
N ARG A 88 0.22 18.58 -11.17
CA ARG A 88 0.93 19.83 -11.11
C ARG A 88 1.77 19.97 -9.86
N HIS A 89 2.98 19.42 -9.88
CA HIS A 89 3.85 19.49 -8.72
C HIS A 89 5.27 19.47 -9.19
N MET A 90 6.21 19.71 -8.27
CA MET A 90 7.53 19.17 -8.50
C MET A 90 7.40 17.71 -8.20
N ASN A 91 7.21 16.96 -9.27
CA ASN A 91 7.00 15.54 -9.16
C ASN A 91 8.33 14.83 -9.11
N GLY A 92 9.42 15.59 -9.25
CA GLY A 92 10.74 15.10 -8.92
C GLY A 92 11.29 15.71 -7.65
N PHE A 93 10.67 16.81 -7.20
CA PHE A 93 11.07 17.43 -5.95
C PHE A 93 9.97 17.40 -4.91
N PRO A 94 10.23 16.70 -3.79
CA PRO A 94 9.31 16.47 -2.67
C PRO A 94 8.87 17.73 -1.95
N MET A 95 7.65 17.76 -1.43
CA MET A 95 7.23 18.91 -0.63
C MET A 95 7.75 18.78 0.79
N ILE A 96 8.46 19.80 1.24
CA ILE A 96 9.37 19.70 2.36
C ILE A 96 8.97 20.77 3.36
N PRO A 97 9.15 20.53 4.67
CA PRO A 97 9.75 19.45 5.48
C PRO A 97 8.98 18.13 5.53
N ALA A 98 8.97 17.51 6.71
CA ALA A 98 8.39 16.17 6.85
C ALA A 98 7.88 15.85 8.25
N THR A 99 7.02 14.83 8.31
CA THR A 99 6.43 14.37 9.56
C THR A 99 7.40 13.63 10.43
N TRP A 100 7.08 13.61 11.72
CA TRP A 100 7.76 12.72 12.63
C TRP A 100 6.76 11.72 13.16
N PRO A 101 6.92 10.45 12.78
CA PRO A 101 5.99 9.38 13.18
C PRO A 101 5.95 9.16 14.67
N LEU A 102 4.76 8.83 15.19
CA LEU A 102 4.57 8.67 16.63
C LEU A 102 5.13 7.38 17.17
N ALA A 103 4.62 7.03 18.35
CA ALA A 103 5.02 5.82 19.05
C ALA A 103 3.77 5.21 19.65
N SER A 104 2.67 5.95 19.57
CA SER A 104 1.41 5.58 20.19
C SER A 104 0.28 6.52 19.80
N ASN A 105 -0.58 6.06 18.90
CA ASN A 105 -1.78 6.81 18.54
C ASN A 105 -2.91 6.35 19.43
N LEU A 106 -2.56 5.66 20.51
CA LEU A 106 -3.57 5.03 21.34
C LEU A 106 -4.48 6.08 21.90
N LYS A 107 -3.91 7.24 22.22
CA LYS A 107 -4.72 8.38 22.61
C LYS A 107 -5.37 8.96 21.37
N LYS A 108 -4.64 8.96 20.26
CA LYS A 108 -5.20 9.38 19.01
C LYS A 108 -6.33 8.44 18.64
N ARG A 109 -6.16 7.17 19.02
CA ARG A 109 -7.23 6.21 18.88
C ARG A 109 -8.29 6.48 19.93
N ALA A 110 -7.95 7.29 20.93
CA ALA A 110 -8.93 7.66 21.93
C ALA A 110 -9.51 9.02 21.60
N ASP A 111 -9.17 9.54 20.44
CA ASP A 111 -9.62 10.86 20.02
C ASP A 111 -10.63 10.65 18.94
N ALA A 112 -10.25 9.75 18.05
CA ALA A 112 -11.19 9.16 17.11
C ALA A 112 -11.93 8.10 17.91
N ASP A 113 -11.47 7.93 19.14
CA ASP A 113 -12.18 7.16 20.14
C ASP A 113 -12.23 5.71 19.69
N LEU A 114 -11.20 5.29 18.97
CA LEU A 114 -11.11 3.94 18.44
C LEU A 114 -11.01 2.99 19.62
N ALA A 115 -11.75 1.89 19.58
CA ALA A 115 -11.94 1.07 20.78
C ALA A 115 -10.73 0.25 21.16
N ASP A 116 -10.62 0.01 22.46
CA ASP A 116 -9.51 -0.66 23.11
C ASP A 116 -9.67 -2.17 23.05
N GLY A 117 -10.69 -2.59 22.33
CA GLY A 117 -11.02 -3.99 22.27
C GLY A 117 -12.39 -4.10 21.70
N PRO A 118 -13.08 -5.18 22.07
CA PRO A 118 -14.38 -5.59 21.52
C PRO A 118 -15.44 -4.56 21.79
N VAL A 119 -16.36 -4.42 20.85
CA VAL A 119 -17.57 -3.68 21.14
C VAL A 119 -18.40 -4.65 21.96
N SER A 120 -19.17 -5.50 21.29
CA SER A 120 -19.79 -6.60 22.01
C SER A 120 -18.73 -7.64 22.25
N GLU A 121 -18.90 -8.41 23.31
CA GLU A 121 -18.05 -9.57 23.51
C GLU A 121 -18.30 -10.55 22.38
N ARG A 122 -19.51 -10.50 21.85
CA ARG A 122 -19.79 -11.23 20.63
C ARG A 122 -18.80 -10.80 19.60
N ASP A 123 -18.58 -9.49 19.52
CA ASP A 123 -17.63 -8.97 18.55
C ASP A 123 -16.26 -9.50 18.89
N ASN A 124 -15.98 -9.65 20.18
CA ASN A 124 -14.72 -10.22 20.56
C ASN A 124 -14.58 -11.57 19.93
N LEU A 125 -15.66 -12.31 19.99
CA LEU A 125 -15.66 -13.65 19.49
C LEU A 125 -15.43 -13.60 18.02
N LEU A 126 -15.93 -12.53 17.41
CA LEU A 126 -15.81 -12.39 15.97
C LEU A 126 -14.35 -12.22 15.64
N PHE A 127 -13.66 -11.51 16.52
CA PHE A 127 -12.28 -11.16 16.28
C PHE A 127 -11.54 -12.45 16.37
N ARG A 128 -11.91 -13.18 17.40
CA ARG A 128 -11.30 -14.44 17.71
C ARG A 128 -11.56 -15.42 16.60
N ALA A 129 -12.61 -15.17 15.85
CA ALA A 129 -13.00 -16.08 14.78
C ALA A 129 -12.19 -15.80 13.55
N ALA A 130 -12.08 -14.52 13.20
CA ALA A 130 -11.31 -14.17 12.02
C ALA A 130 -9.90 -14.62 12.27
N VAL A 131 -9.49 -14.47 13.51
CA VAL A 131 -8.21 -14.95 13.95
C VAL A 131 -8.17 -16.46 13.87
N ARG A 132 -9.30 -17.09 14.17
CA ARG A 132 -9.38 -18.53 14.30
C ARG A 132 -9.13 -19.14 12.94
N LEU A 133 -9.50 -18.39 11.93
CA LEU A 133 -9.58 -18.95 10.59
C LEU A 133 -8.36 -18.55 9.80
N MET A 134 -7.92 -17.31 10.01
CA MET A 134 -6.69 -16.86 9.42
C MET A 134 -5.59 -17.69 10.01
N PHE A 135 -5.84 -18.17 11.22
CA PHE A 135 -4.96 -19.12 11.85
C PHE A 135 -5.64 -20.46 11.80
N SER A 136 -5.79 -21.03 10.61
CA SER A 136 -6.40 -22.34 10.49
C SER A 136 -5.65 -23.23 9.51
N ASP A 137 -6.39 -23.85 8.59
CA ASP A 137 -5.83 -24.85 7.70
C ASP A 137 -4.69 -24.29 6.88
N LEU A 138 -3.64 -25.08 6.71
CA LEU A 138 -2.46 -24.59 5.99
C LEU A 138 -1.86 -25.65 5.08
N GLU A 139 -1.44 -25.20 3.90
CA GLU A 139 -0.82 -26.08 2.92
C GLU A 139 0.48 -25.46 2.43
N PRO A 140 1.55 -25.59 3.22
CA PRO A 140 2.80 -24.87 2.97
C PRO A 140 3.45 -25.19 1.62
N VAL A 141 4.03 -24.15 1.04
CA VAL A 141 4.60 -24.17 -0.31
C VAL A 141 5.91 -23.37 -0.23
N PRO A 142 6.82 -23.57 -1.19
CA PRO A 142 8.11 -22.87 -1.01
C PRO A 142 7.99 -21.35 -0.99
N LEU A 143 8.78 -20.73 -0.11
CA LEU A 143 8.81 -19.29 0.02
C LEU A 143 9.52 -18.71 -1.19
N LYS A 144 9.28 -17.44 -1.49
CA LYS A 144 9.98 -16.78 -2.59
C LYS A 144 10.39 -15.36 -2.18
N ILE A 145 11.41 -14.78 -2.81
CA ILE A 145 11.91 -13.45 -2.43
C ILE A 145 12.35 -12.62 -3.63
N ARG A 146 12.11 -11.32 -3.58
CA ARG A 146 12.44 -10.46 -4.71
C ARG A 146 13.92 -10.49 -5.01
N LYS A 147 14.25 -10.70 -6.28
CA LYS A 147 15.63 -10.55 -6.72
C LYS A 147 16.01 -9.09 -6.69
N GLY A 148 17.22 -8.80 -6.23
CA GLY A 148 17.71 -7.44 -6.26
C GLY A 148 17.14 -6.62 -5.13
N SER A 149 16.24 -7.24 -4.36
CA SER A 149 15.69 -6.57 -3.20
C SER A 149 16.79 -6.45 -2.17
N SER A 150 17.11 -5.22 -1.79
CA SER A 150 18.14 -4.98 -0.80
C SER A 150 17.69 -5.62 0.48
N THR A 151 18.64 -6.09 1.28
CA THR A 151 18.29 -6.65 2.57
C THR A 151 17.72 -5.53 3.43
N CYS A 152 18.00 -4.29 3.04
CA CYS A 152 17.57 -3.11 3.77
C CYS A 152 18.02 -3.25 5.20
N ILE A 153 17.23 -2.78 6.15
CA ILE A 153 17.50 -3.21 7.50
C ILE A 153 17.28 -4.70 7.49
N PRO A 154 18.24 -5.46 8.04
CA PRO A 154 19.46 -4.99 8.71
C PRO A 154 20.58 -4.48 7.78
N TYR A 155 21.28 -5.39 7.12
CA TYR A 155 22.53 -5.07 6.43
C TYR A 155 22.44 -4.13 5.23
N PHE A 156 21.26 -4.02 4.61
CA PHE A 156 21.10 -3.34 3.31
C PHE A 156 21.91 -3.96 2.19
N SER A 157 22.19 -5.25 2.29
CA SER A 157 22.80 -5.98 1.19
C SER A 157 21.83 -6.13 0.04
N ASN A 158 22.32 -5.93 -1.17
CA ASN A 158 21.52 -6.16 -2.34
C ASN A 158 21.54 -7.64 -2.69
N ASP A 159 22.55 -8.34 -2.17
CA ASP A 159 22.73 -9.74 -2.53
C ASP A 159 21.57 -10.57 -2.03
N MET A 160 21.09 -11.46 -2.90
CA MET A 160 20.09 -12.44 -2.54
C MET A 160 20.64 -13.43 -1.51
N GLY A 161 21.93 -13.75 -1.63
CA GLY A 161 22.52 -14.78 -0.81
C GLY A 161 22.54 -14.36 0.64
N THR A 162 22.60 -13.05 0.84
CA THR A 162 22.56 -12.50 2.19
C THR A 162 21.22 -12.85 2.80
N LYS A 163 20.18 -12.57 2.02
CA LYS A 163 18.82 -12.81 2.43
C LYS A 163 18.65 -14.30 2.69
N ILE A 164 19.40 -15.08 1.93
CA ILE A 164 19.39 -16.52 2.08
C ILE A 164 19.92 -16.93 3.44
N GLU A 165 21.09 -16.41 3.79
CA GLU A 165 21.72 -16.81 5.04
C GLU A 165 20.85 -16.40 6.19
N ILE A 166 20.28 -15.21 6.05
CA ILE A 166 19.49 -14.61 7.10
C ILE A 166 18.26 -15.45 7.34
N ALA A 167 17.52 -15.65 6.27
CA ALA A 167 16.25 -16.34 6.37
C ALA A 167 16.45 -17.78 6.80
N GLU A 168 17.52 -18.41 6.33
CA GLU A 168 17.72 -19.82 6.61
C GLU A 168 18.18 -20.04 8.04
N ARG A 169 19.09 -19.21 8.52
CA ARG A 169 19.51 -19.31 9.90
C ARG A 169 18.30 -19.04 10.78
N ALA A 170 17.43 -18.16 10.30
CA ALA A 170 16.19 -17.90 10.99
C ALA A 170 15.33 -19.15 11.01
N LEU A 171 15.39 -19.93 9.94
CA LEU A 171 14.63 -21.17 9.89
C LEU A 171 15.23 -22.11 10.92
N GLU A 172 16.51 -21.92 11.19
CA GLU A 172 17.22 -22.85 12.05
C GLU A 172 16.94 -22.59 13.52
N LYS A 173 16.98 -21.33 13.94
CA LYS A 173 16.81 -21.04 15.36
C LYS A 173 15.92 -19.85 15.64
N ALA A 174 14.85 -19.71 14.86
CA ALA A 174 13.86 -18.70 15.19
C ALA A 174 13.23 -19.08 16.52
N GLU A 175 13.20 -20.37 16.79
CA GLU A 175 12.68 -20.83 18.06
C GLU A 175 13.55 -20.28 19.15
N GLU A 176 14.84 -20.59 19.05
CA GLU A 176 15.77 -20.24 20.09
C GLU A 176 15.83 -18.75 20.29
N ALA A 177 15.72 -18.02 19.19
CA ALA A 177 15.92 -16.59 19.21
C ALA A 177 14.67 -15.86 19.72
N GLY A 178 13.51 -16.35 19.30
CA GLY A 178 12.25 -15.77 19.71
C GLY A 178 12.10 -16.07 21.18
N ASN A 179 12.70 -17.17 21.60
CA ASN A 179 12.81 -17.51 23.00
C ASN A 179 13.71 -16.52 23.70
N LEU A 180 14.80 -16.15 23.03
CA LEU A 180 15.76 -15.23 23.61
C LEU A 180 15.07 -13.92 23.88
N MET A 181 14.15 -13.60 23.00
CA MET A 181 13.39 -12.38 23.14
C MET A 181 12.36 -12.56 24.23
N LEU A 182 11.78 -13.75 24.30
CA LEU A 182 10.94 -14.11 25.42
C LEU A 182 11.80 -14.10 26.67
N GLN A 183 13.06 -14.46 26.49
CA GLN A 183 14.05 -14.37 27.55
C GLN A 183 14.56 -12.94 27.65
N GLY A 184 14.19 -12.12 26.67
CA GLY A 184 14.58 -10.72 26.65
C GLY A 184 15.95 -10.50 26.03
N LYS A 185 16.60 -11.57 25.62
CA LYS A 185 17.89 -11.46 24.96
C LYS A 185 17.68 -10.98 23.54
N PHE A 186 17.18 -9.76 23.42
CA PHE A 186 16.82 -9.23 22.11
C PHE A 186 18.08 -9.14 21.28
N ASP A 187 19.09 -8.52 21.88
CA ASP A 187 20.29 -8.16 21.15
C ASP A 187 21.16 -9.37 20.88
N ASP A 188 20.90 -10.47 21.57
CA ASP A 188 21.72 -11.64 21.35
C ASP A 188 21.36 -12.26 20.00
N ALA A 189 20.08 -12.50 19.79
CA ALA A 189 19.57 -12.96 18.51
C ALA A 189 19.76 -11.88 17.46
N TYR A 190 19.74 -10.65 17.94
CA TYR A 190 19.87 -9.47 17.10
C TYR A 190 21.31 -9.24 16.67
N GLN A 191 22.23 -9.96 17.28
CA GLN A 191 23.63 -9.76 16.97
C GLN A 191 24.30 -11.07 16.64
N LEU A 192 23.51 -12.13 16.57
CA LEU A 192 24.01 -13.43 16.17
C LEU A 192 23.17 -13.98 15.05
N HIS A 193 21.87 -14.07 15.32
CA HIS A 193 20.91 -14.33 14.27
C HIS A 193 20.60 -13.01 13.58
N GLN A 194 21.01 -11.92 14.22
CA GLN A 194 20.76 -10.56 13.76
C GLN A 194 19.28 -10.35 13.47
N MET A 195 18.43 -11.08 14.18
CA MET A 195 17.00 -11.01 13.95
C MET A 195 16.44 -9.70 14.48
N GLY A 196 15.37 -9.25 13.85
CA GLY A 196 14.67 -8.07 14.32
C GLY A 196 15.55 -6.86 14.18
N GLY A 197 15.30 -5.86 15.00
CA GLY A 197 16.16 -4.69 15.03
C GLY A 197 15.42 -3.38 14.99
N ALA A 198 15.24 -2.84 13.80
CA ALA A 198 14.64 -1.52 13.68
C ALA A 198 14.04 -1.26 12.31
N TYR A 199 13.28 -0.18 12.23
CA TYR A 199 12.83 0.34 10.97
C TYR A 199 13.67 1.50 10.51
N TYR A 200 13.72 1.69 9.20
CA TYR A 200 14.42 2.84 8.64
C TYR A 200 13.43 3.65 7.83
N VAL A 201 13.25 4.91 8.18
CA VAL A 201 12.30 5.73 7.43
C VAL A 201 12.75 5.90 5.99
N VAL A 202 11.79 5.71 5.08
CA VAL A 202 11.95 5.95 3.65
C VAL A 202 10.67 6.65 3.20
N TYR A 203 10.57 6.97 1.91
CA TYR A 203 9.38 7.69 1.44
C TYR A 203 8.54 6.97 0.41
N ARG A 204 7.25 6.89 0.69
CA ARG A 204 6.27 6.88 -0.38
C ARG A 204 6.15 8.33 -0.84
N ALA A 205 5.83 8.55 -2.10
CA ALA A 205 5.65 9.91 -2.56
C ALA A 205 4.33 10.04 -3.29
N GLN A 206 3.39 10.78 -2.70
CA GLN A 206 2.13 10.95 -3.40
C GLN A 206 2.35 11.77 -4.65
N SER A 207 2.13 11.12 -5.78
CA SER A 207 2.42 11.72 -7.07
C SER A 207 1.52 12.90 -7.32
N THR A 208 0.36 12.89 -6.70
CA THR A 208 -0.61 13.93 -6.92
C THR A 208 -0.88 14.71 -5.66
N ASP A 209 -1.79 15.67 -5.77
CA ASP A 209 -2.33 16.33 -4.61
C ASP A 209 -3.60 17.03 -5.05
N ALA A 210 -4.49 17.28 -4.09
CA ALA A 210 -5.81 17.78 -4.40
C ALA A 210 -5.75 19.25 -4.77
N ILE A 211 -5.09 19.56 -5.87
CA ILE A 211 -5.06 20.92 -6.35
C ILE A 211 -6.46 21.32 -6.79
N THR A 212 -6.85 22.52 -6.38
CA THR A 212 -8.20 23.00 -6.58
C THR A 212 -8.15 24.35 -7.23
N LEU A 213 -8.69 24.43 -8.44
CA LEU A 213 -8.77 25.71 -9.13
C LEU A 213 -9.80 26.61 -8.47
N ASP A 214 -9.49 27.90 -8.43
CA ASP A 214 -10.38 28.90 -7.88
C ASP A 214 -11.05 29.64 -9.00
N PRO A 215 -12.37 29.49 -9.13
CA PRO A 215 -13.13 30.17 -10.17
C PRO A 215 -12.99 31.69 -10.11
N LYS A 216 -12.88 32.22 -8.91
CA LYS A 216 -12.88 33.66 -8.75
C LYS A 216 -11.51 34.30 -9.00
N THR A 217 -10.46 33.48 -9.01
CA THR A 217 -9.13 34.04 -9.22
C THR A 217 -8.04 33.03 -9.58
N GLY A 218 -8.44 31.79 -9.84
CA GLY A 218 -7.51 30.84 -10.42
C GLY A 218 -6.48 30.20 -9.50
N LYS A 219 -6.66 30.32 -8.19
CA LYS A 219 -5.73 29.71 -7.25
C LYS A 219 -5.73 28.19 -7.41
N PHE A 220 -4.58 27.58 -7.27
CA PHE A 220 -4.48 26.13 -7.40
C PHE A 220 -4.09 25.48 -6.10
N VAL A 221 -5.07 25.23 -5.24
CA VAL A 221 -4.77 24.79 -3.89
C VAL A 221 -4.78 23.28 -3.76
N SER A 222 -3.57 22.73 -3.70
CA SER A 222 -3.37 21.34 -3.38
C SER A 222 -3.80 21.11 -1.95
N LYS A 223 -4.23 19.89 -1.64
CA LYS A 223 -4.54 19.58 -0.25
C LYS A 223 -3.32 19.77 0.63
N ASP A 224 -3.52 20.43 1.76
CA ASP A 224 -2.45 20.61 2.72
C ASP A 224 -2.12 19.30 3.40
N ARG A 225 -0.85 19.13 3.72
CA ARG A 225 -0.40 17.88 4.29
C ARG A 225 0.03 18.10 5.73
N MET A 226 -0.95 18.08 6.61
CA MET A 226 -0.68 18.19 8.03
C MET A 226 0.19 17.02 8.47
N VAL A 227 1.22 17.29 9.27
CA VAL A 227 2.17 16.25 9.67
C VAL A 227 2.70 16.52 11.07
N ALA A 228 3.13 15.46 11.76
CA ALA A 228 3.67 15.58 13.10
C ALA A 228 5.10 16.07 13.11
N ASP A 229 5.48 16.72 14.20
CA ASP A 229 6.88 17.02 14.45
C ASP A 229 7.42 15.98 15.41
N PHE A 230 8.70 16.10 15.76
CA PHE A 230 9.35 15.09 16.59
C PHE A 230 8.68 14.98 17.94
N GLU A 231 8.13 16.08 18.42
CA GLU A 231 7.52 16.10 19.74
C GLU A 231 6.11 15.59 19.70
N TYR A 232 5.41 15.88 18.60
CA TYR A 232 4.06 15.38 18.46
C TYR A 232 4.20 13.88 18.36
N ALA A 233 5.36 13.47 17.86
CA ALA A 233 5.70 12.08 17.71
C ALA A 233 5.97 11.41 19.05
N VAL A 234 7.09 11.76 19.68
CA VAL A 234 7.55 11.06 20.88
C VAL A 234 6.55 11.18 22.00
N THR A 235 5.89 12.33 22.05
CA THR A 235 4.75 12.51 22.92
C THR A 235 3.58 12.11 22.09
N GLY A 236 3.24 10.82 22.14
CA GLY A 236 2.32 10.19 21.20
C GLY A 236 1.12 11.02 20.80
N GLY A 237 1.39 12.05 20.01
CA GLY A 237 0.34 12.97 19.58
C GLY A 237 0.06 14.00 20.66
N GLU A 238 0.90 14.01 21.69
CA GLU A 238 0.62 14.82 22.85
C GLU A 238 1.10 16.23 22.62
N GLN A 239 2.42 16.40 22.72
CA GLN A 239 3.04 17.68 22.47
C GLN A 239 3.17 17.85 20.98
N GLY A 240 4.11 18.69 20.57
CA GLY A 240 4.42 18.82 19.16
C GLY A 240 3.33 19.46 18.36
N SER A 241 3.35 19.25 17.04
CA SER A 241 2.42 19.96 16.19
C SER A 241 2.07 19.22 14.90
N LEU A 242 0.99 19.67 14.29
CA LEU A 242 0.47 19.09 13.07
C LEU A 242 0.46 20.19 12.01
N PHE A 243 1.10 19.94 10.87
CA PHE A 243 1.46 21.05 10.00
C PHE A 243 1.79 20.69 8.56
N ALA A 244 1.42 21.58 7.64
CA ALA A 244 1.81 21.41 6.25
C ALA A 244 3.31 21.60 6.06
N ALA A 245 3.91 20.76 5.24
CA ALA A 245 5.25 21.02 4.72
C ALA A 245 5.14 22.06 3.63
N SER A 246 6.21 22.80 3.38
CA SER A 246 6.16 23.80 2.33
C SER A 246 5.89 23.15 1.00
N LYS A 247 4.96 23.72 0.26
CA LYS A 247 4.58 23.22 -1.05
C LYS A 247 5.35 23.94 -2.13
N ASP A 248 5.98 25.03 -1.76
CA ASP A 248 6.53 25.99 -2.71
C ASP A 248 7.62 25.42 -3.61
N ALA A 249 7.67 25.91 -4.84
CA ALA A 249 8.76 25.60 -5.75
C ALA A 249 9.73 26.78 -5.87
N SER A 250 9.25 27.96 -5.50
CA SER A 250 10.06 29.16 -5.56
C SER A 250 11.20 29.05 -4.56
N ARG A 251 11.01 28.18 -3.57
CA ARG A 251 12.05 27.84 -2.64
C ARG A 251 13.12 27.05 -3.36
N LEU A 252 12.79 26.55 -4.54
CA LEU A 252 13.81 26.01 -5.39
C LEU A 252 14.13 26.98 -6.51
N LYS A 253 13.22 27.92 -6.76
CA LYS A 253 13.57 29.09 -7.53
C LYS A 253 14.53 29.88 -6.67
N GLU A 254 14.34 29.71 -5.37
CA GLU A 254 15.33 30.10 -4.38
C GLU A 254 16.59 29.29 -4.59
N GLN A 255 16.53 28.08 -4.06
CA GLN A 255 17.70 27.28 -3.80
C GLN A 255 18.31 26.73 -5.08
N TYR A 256 17.56 25.90 -5.78
CA TYR A 256 18.00 25.40 -7.07
C TYR A 256 17.99 26.51 -8.10
N GLY A 257 17.18 27.53 -7.86
CA GLY A 257 17.02 28.61 -8.81
C GLY A 257 16.04 28.21 -9.88
N ILE A 258 15.50 27.00 -9.75
CA ILE A 258 14.69 26.43 -10.82
C ILE A 258 13.42 27.22 -11.03
N ASP A 259 13.10 27.47 -12.29
CA ASP A 259 11.96 28.28 -12.66
C ASP A 259 10.68 27.66 -12.15
N VAL A 260 9.70 28.48 -11.82
CA VAL A 260 8.52 28.00 -11.12
C VAL A 260 7.25 28.36 -11.87
N PRO A 261 6.88 27.50 -12.83
CA PRO A 261 5.60 27.58 -13.52
C PRO A 261 4.42 27.33 -12.58
N ASP A 262 3.28 27.91 -12.92
CA ASP A 262 2.11 27.91 -12.07
C ASP A 262 1.61 26.55 -11.61
N GLY A 263 1.22 26.49 -10.35
CA GLY A 263 0.46 25.36 -9.82
C GLY A 263 1.35 24.19 -9.52
N PHE A 264 2.64 24.35 -9.79
CA PHE A 264 3.57 23.26 -9.69
C PHE A 264 4.28 23.27 -8.36
N PHE A 265 3.61 22.72 -7.35
CA PHE A 265 4.20 22.58 -6.03
C PHE A 265 5.19 21.43 -5.99
N CYS A 266 5.04 20.54 -5.03
CA CYS A 266 5.99 19.46 -4.84
C CYS A 266 5.29 18.24 -4.28
N GLU A 267 5.68 17.05 -4.71
CA GLU A 267 4.96 15.84 -4.31
C GLU A 267 5.04 15.56 -2.81
N ARG A 268 3.95 15.01 -2.29
CA ARG A 268 3.86 14.66 -0.88
C ARG A 268 4.88 13.61 -0.46
N ARG A 269 5.47 13.83 0.71
CA ARG A 269 6.49 12.94 1.25
C ARG A 269 5.94 11.98 2.28
N ARG A 270 5.13 11.04 1.82
CA ARG A 270 4.65 9.96 2.66
C ARG A 270 5.85 9.14 3.10
N THR A 271 5.77 8.49 4.24
CA THR A 271 6.96 7.82 4.75
C THR A 271 6.75 6.36 5.12
N ALA A 272 7.27 5.46 4.29
CA ALA A 272 7.31 4.04 4.61
C ALA A 272 8.51 3.77 5.50
N MET A 273 8.66 2.53 5.98
CA MET A 273 9.88 2.16 6.69
C MET A 273 10.33 0.75 6.35
N GLY A 274 11.62 0.58 6.10
CA GLY A 274 12.20 -0.72 5.87
C GLY A 274 12.54 -1.40 7.18
N GLY A 275 12.87 -2.69 7.14
CA GLY A 275 13.16 -3.44 8.35
C GLY A 275 13.62 -4.86 8.09
N PRO A 276 14.02 -5.57 9.14
CA PRO A 276 14.63 -6.90 9.05
C PRO A 276 13.69 -7.96 8.47
N PHE A 277 14.25 -8.89 7.71
CA PHE A 277 13.45 -9.89 7.01
C PHE A 277 13.30 -11.24 7.69
N ALA A 278 14.22 -11.60 8.57
CA ALA A 278 14.32 -12.99 9.01
C ALA A 278 13.00 -13.46 9.59
N LEU A 279 12.28 -12.51 10.19
CA LEU A 279 10.92 -12.73 10.65
C LEU A 279 9.88 -12.55 9.55
N ASN A 280 10.25 -11.92 8.45
CA ASN A 280 9.30 -11.76 7.38
C ASN A 280 9.28 -13.05 6.57
N ALA A 281 10.31 -13.86 6.72
CA ALA A 281 10.31 -15.17 6.08
C ALA A 281 9.17 -16.04 6.57
N PRO A 282 9.03 -16.22 7.91
CA PRO A 282 7.83 -16.92 8.36
C PRO A 282 6.55 -16.24 7.93
N ILE A 283 6.61 -14.92 7.82
CA ILE A 283 5.46 -14.16 7.39
C ILE A 283 5.00 -14.55 5.98
N MET A 284 5.88 -14.50 4.98
CA MET A 284 5.48 -14.92 3.64
C MET A 284 5.16 -16.39 3.58
N ALA A 285 5.91 -17.16 4.35
CA ALA A 285 5.87 -18.61 4.23
C ALA A 285 4.52 -19.14 4.63
N VAL A 286 3.80 -18.35 5.42
CA VAL A 286 2.47 -18.75 5.86
C VAL A 286 1.44 -17.93 5.13
N ALA A 287 1.58 -16.62 5.23
CA ALA A 287 0.57 -15.72 4.73
C ALA A 287 0.39 -15.89 3.24
N GLN A 288 1.49 -16.05 2.51
CA GLN A 288 1.36 -16.24 1.09
C GLN A 288 0.56 -17.49 0.83
N PRO A 289 0.90 -18.61 1.51
CA PRO A 289 -0.07 -19.69 1.43
C PRO A 289 -1.43 -19.32 1.98
N VAL A 290 -1.49 -18.48 3.02
CA VAL A 290 -2.79 -18.05 3.52
C VAL A 290 -3.47 -17.18 2.47
N ARG A 291 -2.65 -16.41 1.75
CA ARG A 291 -3.17 -15.59 0.68
C ARG A 291 -3.86 -16.52 -0.27
N ASN A 292 -3.16 -17.58 -0.60
CA ASN A 292 -3.62 -18.55 -1.57
C ASN A 292 -4.85 -19.21 -1.04
N LYS A 293 -4.93 -19.26 0.29
CA LYS A 293 -5.98 -19.97 0.99
C LYS A 293 -7.28 -19.25 0.80
N ILE A 294 -7.31 -18.03 1.30
CA ILE A 294 -8.50 -17.22 1.22
C ILE A 294 -8.83 -16.94 -0.23
N TYR A 295 -7.81 -16.90 -1.07
CA TYR A 295 -8.05 -16.71 -2.48
C TYR A 295 -8.61 -17.98 -3.07
N SER A 296 -8.42 -19.08 -2.36
CA SER A 296 -8.90 -20.36 -2.83
C SER A 296 -10.13 -20.74 -2.04
N LYS A 297 -9.99 -20.71 -0.72
CA LYS A 297 -11.10 -21.11 0.12
C LYS A 297 -12.24 -20.13 -0.07
N TYR A 298 -11.90 -18.91 -0.48
CA TYR A 298 -12.90 -17.87 -0.57
C TYR A 298 -12.81 -17.08 -1.85
N ALA A 299 -11.65 -16.47 -2.09
CA ALA A 299 -11.52 -15.45 -3.12
C ALA A 299 -12.68 -14.51 -2.92
N TYR A 300 -13.54 -14.45 -3.92
CA TYR A 300 -14.82 -13.77 -3.78
C TYR A 300 -14.60 -12.34 -3.30
N THR A 301 -14.45 -12.16 -2.00
CA THR A 301 -14.16 -10.87 -1.42
C THR A 301 -12.68 -10.57 -1.69
N PHE A 302 -11.97 -11.60 -2.12
CA PHE A 302 -10.52 -11.62 -1.99
C PHE A 302 -9.79 -11.67 -3.32
N HIS A 303 -10.31 -12.37 -4.30
CA HIS A 303 -9.58 -12.46 -5.57
C HIS A 303 -9.41 -11.08 -6.17
N HIS A 304 -8.24 -10.80 -6.72
CA HIS A 304 -7.98 -9.48 -7.28
C HIS A 304 -7.24 -9.54 -8.59
N THR A 305 -7.95 -9.40 -9.69
CA THR A 305 -7.31 -9.32 -11.01
C THR A 305 -8.04 -8.34 -11.92
N THR A 306 -8.81 -8.88 -12.84
CA THR A 306 -9.51 -8.03 -13.80
C THR A 306 -10.55 -7.23 -13.06
N ARG A 307 -10.91 -6.09 -13.62
CA ARG A 307 -12.08 -5.40 -13.13
C ARG A 307 -13.25 -6.34 -13.34
N LEU A 308 -13.13 -7.21 -14.34
CA LEU A 308 -14.15 -8.19 -14.66
C LEU A 308 -14.28 -9.12 -13.47
N ASN A 309 -13.14 -9.40 -12.86
CA ASN A 309 -13.00 -10.36 -11.78
C ASN A 309 -13.93 -9.99 -10.65
N LYS A 310 -14.25 -8.70 -10.62
CA LYS A 310 -14.81 -8.09 -9.45
C LYS A 310 -16.23 -7.71 -9.80
N GLU A 311 -16.33 -7.06 -10.94
CA GLU A 311 -17.55 -6.60 -11.54
C GLU A 311 -18.56 -7.71 -11.67
N GLU A 312 -18.07 -8.86 -12.08
CA GLU A 312 -18.96 -10.00 -12.25
C GLU A 312 -19.55 -10.34 -10.91
N LYS A 313 -18.76 -10.16 -9.87
CA LYS A 313 -19.21 -10.41 -8.52
C LYS A 313 -20.15 -9.31 -8.12
N VAL A 314 -20.08 -8.19 -8.82
CA VAL A 314 -20.72 -7.01 -8.32
C VAL A 314 -22.09 -6.74 -8.89
N LYS A 315 -22.23 -6.72 -10.21
CA LYS A 315 -23.46 -6.24 -10.83
C LYS A 315 -24.60 -7.08 -10.36
N GLU A 316 -24.23 -8.29 -9.96
CA GLU A 316 -25.04 -9.14 -9.11
C GLU A 316 -25.84 -8.30 -8.14
N TRP A 317 -25.12 -7.48 -7.41
CA TRP A 317 -25.61 -6.89 -6.17
C TRP A 317 -26.71 -5.89 -6.42
N SER A 318 -27.69 -5.87 -5.54
CA SER A 318 -28.75 -4.89 -5.59
C SER A 318 -28.20 -3.59 -5.05
N LEU A 319 -27.33 -3.74 -4.06
CA LEU A 319 -26.72 -2.60 -3.42
C LEU A 319 -25.22 -2.80 -3.39
N CYS A 320 -24.49 -1.70 -3.50
CA CYS A 320 -23.04 -1.76 -3.39
C CYS A 320 -22.51 -0.57 -2.62
N VAL A 321 -21.49 -0.81 -1.81
CA VAL A 321 -20.95 0.27 -1.00
C VAL A 321 -19.44 0.29 -0.97
N ALA A 322 -18.86 1.18 -1.76
CA ALA A 322 -17.42 1.43 -1.70
C ALA A 322 -17.06 2.01 -0.34
N THR A 323 -15.92 1.58 0.17
CA THR A 323 -15.47 1.97 1.50
C THR A 323 -14.55 3.18 1.43
N ASP A 324 -14.30 3.81 2.58
CA ASP A 324 -13.33 4.89 2.62
C ASP A 324 -12.66 4.94 3.99
N VAL A 325 -11.34 4.80 3.98
CA VAL A 325 -10.58 4.46 5.17
C VAL A 325 -9.68 5.58 5.68
N SER A 326 -9.75 5.86 6.98
CA SER A 326 -8.87 6.84 7.60
C SER A 326 -7.46 6.23 7.78
N ASP A 327 -6.45 7.08 7.90
CA ASP A 327 -5.02 6.71 8.07
C ASP A 327 -4.80 5.24 8.42
N HIS A 328 -4.67 4.46 7.36
CA HIS A 328 -4.85 3.03 7.39
C HIS A 328 -3.87 2.31 8.31
N ASP A 329 -2.68 2.88 8.48
CA ASP A 329 -1.64 2.17 9.20
C ASP A 329 -1.62 2.43 10.68
N THR A 330 -1.61 3.70 11.03
CA THR A 330 -1.37 4.10 12.40
C THR A 330 -2.41 3.55 13.34
N PHE A 331 -3.59 3.30 12.79
CA PHE A 331 -4.76 3.07 13.60
C PHE A 331 -4.86 1.65 14.11
N TRP A 332 -3.94 0.79 13.70
CA TRP A 332 -4.06 -0.60 14.09
C TRP A 332 -3.85 -0.76 15.59
N PRO A 333 -4.88 -1.30 16.27
CA PRO A 333 -4.87 -1.52 17.72
C PRO A 333 -3.86 -2.54 18.22
N GLY A 334 -3.30 -2.28 19.39
CA GLY A 334 -2.34 -3.19 19.99
C GLY A 334 -3.01 -4.25 20.83
N TRP A 335 -4.21 -3.97 21.29
CA TRP A 335 -4.98 -5.01 21.95
C TRP A 335 -5.37 -6.01 20.88
N LEU A 336 -5.41 -5.54 19.65
CA LEU A 336 -5.61 -6.45 18.55
C LEU A 336 -4.42 -7.39 18.48
N ARG A 337 -3.24 -6.85 18.74
CA ARG A 337 -2.06 -7.70 18.90
C ARG A 337 -2.28 -8.66 20.02
N ASP A 338 -2.98 -8.20 21.04
CA ASP A 338 -3.16 -9.00 22.23
C ASP A 338 -3.98 -10.23 21.89
N LEU A 339 -5.08 -10.03 21.17
CA LEU A 339 -5.91 -11.16 20.77
C LEU A 339 -5.17 -12.03 19.77
N ILE A 340 -4.32 -11.39 18.96
CA ILE A 340 -3.60 -12.12 17.95
C ILE A 340 -2.75 -13.15 18.61
N CYS A 341 -1.87 -12.67 19.48
CA CYS A 341 -0.91 -13.50 20.15
C CYS A 341 -1.66 -14.49 21.02
N ASP A 342 -2.77 -14.00 21.56
CA ASP A 342 -3.66 -14.80 22.37
C ASP A 342 -3.97 -16.08 21.65
N GLU A 343 -4.72 -15.95 20.57
CA GLU A 343 -5.25 -17.13 19.95
C GLU A 343 -4.19 -17.84 19.11
N LEU A 344 -3.09 -17.15 18.84
CA LEU A 344 -1.94 -17.85 18.27
C LEU A 344 -1.56 -18.95 19.21
N LEU A 345 -1.32 -18.54 20.45
CA LEU A 345 -0.93 -19.49 21.45
C LEU A 345 -2.05 -20.47 21.74
N ASN A 346 -3.29 -19.97 21.68
CA ASN A 346 -4.44 -20.77 22.03
C ASN A 346 -4.56 -21.90 21.04
N MET A 347 -4.06 -21.62 19.84
CA MET A 347 -4.15 -22.56 18.76
C MET A 347 -2.76 -23.05 18.45
N GLY A 348 -1.89 -23.00 19.44
CA GLY A 348 -0.62 -23.70 19.37
C GLY A 348 0.44 -23.06 18.51
N TYR A 349 0.22 -21.82 18.11
CA TYR A 349 1.23 -21.12 17.33
C TYR A 349 2.42 -20.78 18.20
N ALA A 350 3.60 -20.85 17.60
CA ALA A 350 4.83 -20.90 18.38
C ALA A 350 5.12 -19.63 19.13
N PRO A 351 5.20 -19.74 20.46
CA PRO A 351 5.34 -18.64 21.43
C PRO A 351 6.56 -17.79 21.18
N TRP A 352 7.65 -18.43 20.75
CA TRP A 352 8.82 -17.68 20.37
C TRP A 352 8.55 -16.89 19.13
N TRP A 353 7.78 -17.48 18.21
CA TRP A 353 7.51 -16.76 17.00
C TRP A 353 6.55 -15.65 17.32
N VAL A 354 5.66 -15.93 18.25
CA VAL A 354 4.68 -14.96 18.67
C VAL A 354 5.43 -13.76 19.22
N LYS A 355 6.48 -14.05 19.96
CA LYS A 355 7.35 -13.03 20.49
C LYS A 355 8.03 -12.30 19.36
N LEU A 356 8.30 -13.03 18.28
CA LEU A 356 8.94 -12.42 17.14
C LEU A 356 8.01 -11.40 16.51
N PHE A 357 6.74 -11.76 16.37
CA PHE A 357 5.77 -10.80 15.91
C PHE A 357 5.87 -9.62 16.79
N GLU A 358 5.56 -9.79 18.07
CA GLU A 358 5.34 -8.63 18.93
C GLU A 358 6.57 -7.75 18.95
N THR A 359 7.71 -8.39 18.75
CA THR A 359 8.96 -7.68 18.58
C THR A 359 8.85 -6.74 17.39
N SER A 360 8.54 -7.32 16.24
CA SER A 360 8.42 -6.53 15.03
C SER A 360 7.26 -5.56 15.05
N LEU A 361 6.23 -5.96 15.78
CA LEU A 361 4.92 -5.34 15.71
C LEU A 361 4.96 -4.13 16.61
N LYS A 362 6.08 -4.00 17.31
CA LYS A 362 6.35 -2.83 18.12
C LYS A 362 7.83 -2.47 17.99
N LEU A 363 8.44 -2.85 16.87
CA LEU A 363 9.88 -2.73 16.66
C LEU A 363 10.34 -1.28 16.60
N PRO A 364 11.50 -0.97 17.22
CA PRO A 364 12.09 0.37 17.30
C PRO A 364 12.42 0.93 15.92
N VAL A 365 12.35 2.25 15.73
CA VAL A 365 12.48 2.82 14.39
C VAL A 365 13.66 3.79 14.29
N TYR A 366 13.83 4.41 13.12
CA TYR A 366 14.87 5.41 12.92
C TYR A 366 14.55 6.43 11.85
N VAL A 367 14.81 7.70 12.17
CA VAL A 367 14.58 8.81 11.26
C VAL A 367 15.88 9.29 10.65
N GLY A 368 15.91 9.43 9.33
CA GLY A 368 17.12 9.85 8.62
C GLY A 368 17.30 11.35 8.53
N ALA A 369 16.92 11.94 7.41
CA ALA A 369 16.95 13.40 7.27
C ALA A 369 15.64 13.93 6.68
N PRO A 370 14.57 13.96 7.49
CA PRO A 370 13.22 14.36 7.09
C PRO A 370 13.19 15.77 6.53
N ALA A 371 14.05 16.62 7.06
CA ALA A 371 14.36 17.88 6.40
C ALA A 371 15.85 18.03 6.43
N PRO A 372 16.39 18.89 5.56
CA PRO A 372 17.77 19.24 5.82
C PRO A 372 17.82 19.85 7.19
N GLU A 373 18.87 19.54 7.93
CA GLU A 373 18.96 19.86 9.34
C GLU A 373 17.84 19.19 10.12
N GLN A 374 17.54 17.94 9.80
CA GLN A 374 16.67 17.12 10.63
C GLN A 374 17.04 15.65 10.68
N GLY A 375 16.43 14.96 11.63
CA GLY A 375 16.54 13.53 11.74
C GLY A 375 17.89 13.02 12.16
N HIS A 376 18.23 11.84 11.65
CA HIS A 376 19.38 11.08 12.11
C HIS A 376 19.17 10.87 13.60
N THR A 377 17.93 10.57 13.91
CA THR A 377 17.52 10.28 15.27
C THR A 377 17.11 8.83 15.34
N LEU A 378 17.94 8.04 16.02
CA LEU A 378 17.61 6.68 16.35
C LEU A 378 16.44 6.71 17.34
N LEU A 379 15.53 5.75 17.23
CA LEU A 379 14.32 5.78 18.04
C LEU A 379 13.93 4.39 18.53
N GLY A 380 13.46 4.32 19.76
CA GLY A 380 13.09 3.06 20.37
C GLY A 380 14.26 2.41 21.06
N ASP A 381 13.98 1.42 21.89
CA ASP A 381 15.02 0.75 22.65
C ASP A 381 14.92 -0.76 22.54
N PRO A 382 15.51 -1.35 21.50
CA PRO A 382 15.53 -2.79 21.22
C PRO A 382 16.01 -3.63 22.41
N SER A 383 15.52 -3.28 23.59
CA SER A 383 15.85 -3.98 24.80
C SER A 383 14.57 -4.00 25.63
N ASN A 384 13.86 -2.88 25.61
CA ASN A 384 12.45 -2.88 25.95
C ASN A 384 11.66 -2.00 24.97
N PRO A 385 11.47 -2.46 23.73
CA PRO A 385 10.59 -1.78 22.79
C PRO A 385 9.13 -1.76 23.26
N ASP A 386 8.38 -0.71 22.94
CA ASP A 386 6.98 -0.64 23.32
C ASP A 386 6.13 0.14 22.32
N LEU A 387 6.63 0.29 21.09
CA LEU A 387 6.02 1.19 20.12
C LEU A 387 4.61 0.79 19.73
N GLU A 388 3.78 1.81 19.58
CA GLU A 388 2.46 1.62 18.99
C GLU A 388 2.44 2.55 17.80
N VAL A 389 3.40 2.36 16.91
CA VAL A 389 3.64 3.26 15.79
C VAL A 389 2.67 3.01 14.65
N GLY A 390 1.84 1.98 14.78
CA GLY A 390 0.92 1.63 13.72
C GLY A 390 1.55 0.74 12.67
N LEU A 391 0.85 0.51 11.58
CA LEU A 391 1.27 -0.49 10.59
C LEU A 391 2.52 -0.04 9.83
N SER A 392 3.68 -0.46 10.32
CA SER A 392 4.95 -0.16 9.66
C SER A 392 5.08 -0.93 8.35
N SER A 393 5.70 -0.30 7.37
CA SER A 393 5.74 -0.84 6.01
C SER A 393 6.60 -2.10 5.88
N GLY A 394 7.50 -2.32 6.84
CA GLY A 394 8.43 -3.41 6.72
C GLY A 394 7.73 -4.75 6.66
N GLN A 395 6.63 -4.87 7.38
CA GLN A 395 5.77 -6.04 7.26
C GLN A 395 5.06 -6.06 5.91
N GLY A 396 4.98 -7.24 5.30
CA GLY A 396 4.16 -7.40 4.12
C GLY A 396 2.79 -7.94 4.48
N ALA A 397 2.67 -8.45 5.69
CA ALA A 397 1.44 -9.05 6.16
C ALA A 397 0.54 -8.00 6.79
N THR A 398 1.00 -6.75 6.75
CA THR A 398 0.19 -5.64 7.21
C THR A 398 -1.10 -5.60 6.42
N ASP A 399 -1.02 -6.00 5.17
CA ASP A 399 -2.16 -6.05 4.30
C ASP A 399 -3.20 -6.98 4.86
N LEU A 400 -2.72 -8.01 5.53
CA LEU A 400 -3.59 -8.98 6.13
C LEU A 400 -4.34 -8.31 7.24
N MET A 401 -3.67 -7.37 7.89
CA MET A 401 -4.21 -6.70 9.04
C MET A 401 -5.28 -5.72 8.60
N GLY A 402 -4.96 -5.01 7.52
CA GLY A 402 -5.87 -4.02 7.00
C GLY A 402 -7.11 -4.73 6.52
N THR A 403 -6.90 -5.74 5.72
CA THR A 403 -8.00 -6.49 5.15
C THR A 403 -8.82 -7.06 6.29
N LEU A 404 -8.10 -7.44 7.34
CA LEU A 404 -8.71 -7.94 8.55
C LEU A 404 -9.67 -6.92 9.10
N LEU A 405 -9.15 -5.97 9.86
CA LEU A 405 -10.00 -5.13 10.68
C LEU A 405 -10.97 -4.38 9.84
N MET A 406 -10.58 -4.10 8.60
CA MET A 406 -11.52 -3.45 7.75
C MET A 406 -12.68 -4.38 7.55
N SER A 407 -12.40 -5.61 7.14
CA SER A 407 -13.49 -6.53 6.83
C SER A 407 -14.33 -6.74 8.06
N ILE A 408 -13.63 -6.74 9.19
CA ILE A 408 -14.24 -6.85 10.48
C ILE A 408 -15.26 -5.78 10.58
N THR A 409 -14.78 -4.56 10.73
CA THR A 409 -15.59 -3.44 11.10
C THR A 409 -16.69 -3.26 10.08
N TYR A 410 -16.41 -3.65 8.85
CA TYR A 410 -17.40 -3.60 7.79
C TYR A 410 -18.55 -4.47 8.19
N LEU A 411 -18.25 -5.74 8.21
CA LEU A 411 -19.24 -6.76 8.38
C LEU A 411 -19.97 -6.56 9.68
N VAL A 412 -19.20 -6.18 10.67
CA VAL A 412 -19.69 -5.92 11.99
C VAL A 412 -20.70 -4.82 11.90
N MET A 413 -20.33 -3.75 11.23
CA MET A 413 -21.20 -2.59 11.18
C MET A 413 -22.46 -2.98 10.46
N GLN A 414 -22.31 -3.91 9.53
CA GLN A 414 -23.44 -4.45 8.82
C GLN A 414 -24.33 -5.17 9.81
N LEU A 415 -23.73 -5.73 10.85
CA LEU A 415 -24.55 -6.39 11.84
C LEU A 415 -25.24 -5.33 12.63
N ASP A 416 -24.46 -4.30 12.89
CA ASP A 416 -24.78 -3.29 13.85
C ASP A 416 -25.99 -2.53 13.39
N HIS A 417 -26.11 -2.40 12.08
CA HIS A 417 -27.00 -1.40 11.54
C HIS A 417 -27.77 -1.93 10.36
N THR A 418 -27.52 -3.19 10.02
CA THR A 418 -28.26 -3.81 8.92
C THR A 418 -28.73 -5.20 9.34
N ALA A 419 -27.85 -5.96 9.98
CA ALA A 419 -28.20 -7.33 10.34
C ALA A 419 -27.87 -7.68 11.77
N PRO A 420 -28.63 -7.12 12.72
CA PRO A 420 -28.40 -7.49 14.11
C PRO A 420 -29.19 -8.74 14.48
N HIS A 421 -30.42 -8.81 14.01
CA HIS A 421 -31.26 -9.96 14.27
C HIS A 421 -30.64 -11.19 13.63
N LEU A 422 -29.92 -10.96 12.55
CA LEU A 422 -29.29 -12.04 11.82
C LEU A 422 -28.09 -12.57 12.57
N ASN A 423 -27.63 -11.79 13.55
CA ASN A 423 -26.50 -12.20 14.36
C ASN A 423 -26.91 -13.43 15.14
N SER A 424 -28.21 -13.65 15.20
CA SER A 424 -28.76 -14.82 15.84
C SER A 424 -28.25 -16.11 15.22
N ARG A 425 -27.91 -16.10 13.93
CA ARG A 425 -27.30 -17.32 13.38
C ARG A 425 -25.81 -17.32 13.74
N ILE A 426 -25.35 -16.27 14.39
CA ILE A 426 -23.97 -16.23 14.84
C ILE A 426 -23.96 -16.56 16.33
N LYS A 427 -24.43 -17.76 16.67
CA LYS A 427 -24.57 -18.13 18.06
C LYS A 427 -23.24 -18.29 18.82
N ASP A 428 -22.15 -18.66 18.14
CA ASP A 428 -20.87 -18.81 18.83
C ASP A 428 -19.67 -18.87 17.89
N MET A 429 -18.52 -19.21 18.46
CA MET A 429 -17.29 -19.30 17.70
C MET A 429 -17.42 -20.28 16.54
N PRO A 430 -17.91 -21.50 16.79
CA PRO A 430 -18.22 -22.31 15.60
C PRO A 430 -19.25 -21.70 14.66
N SER A 431 -20.22 -20.98 15.20
CA SER A 431 -21.23 -20.38 14.33
C SER A 431 -20.52 -19.35 13.49
N ALA A 432 -19.54 -18.72 14.12
CA ALA A 432 -18.71 -17.75 13.43
C ALA A 432 -17.88 -18.48 12.39
N CYS A 433 -17.65 -19.77 12.61
CA CYS A 433 -16.85 -20.54 11.67
C CYS A 433 -17.64 -20.78 10.40
N ARG A 434 -18.77 -21.49 10.51
CA ARG A 434 -19.59 -21.75 9.33
C ARG A 434 -19.86 -20.43 8.66
N PHE A 435 -20.25 -19.44 9.45
CA PHE A 435 -20.56 -18.16 8.89
C PHE A 435 -19.44 -17.55 8.09
N LEU A 436 -18.32 -17.30 8.73
CA LEU A 436 -17.32 -16.46 8.14
C LEU A 436 -16.85 -17.14 6.89
N ASP A 437 -16.86 -18.46 6.97
CA ASP A 437 -16.59 -19.25 5.81
C ASP A 437 -17.57 -18.83 4.73
N SER A 438 -18.85 -18.89 5.06
CA SER A 438 -19.91 -18.62 4.08
C SER A 438 -19.94 -17.20 3.55
N TYR A 439 -19.46 -16.27 4.35
CA TYR A 439 -19.52 -14.87 4.01
C TYR A 439 -18.39 -14.58 3.08
N TRP A 440 -17.26 -15.23 3.32
CA TRP A 440 -16.17 -15.12 2.40
C TRP A 440 -16.41 -16.05 1.23
N GLN A 441 -17.34 -16.97 1.43
CA GLN A 441 -17.97 -17.69 0.33
C GLN A 441 -19.11 -16.85 -0.25
N GLY A 442 -19.53 -15.86 0.54
CA GLY A 442 -20.49 -14.89 0.06
C GLY A 442 -21.94 -15.30 0.05
N HIS A 443 -22.25 -16.42 0.67
CA HIS A 443 -23.62 -16.91 0.63
C HIS A 443 -24.50 -16.07 1.57
N GLU A 444 -24.33 -14.75 1.48
CA GLU A 444 -24.93 -13.84 2.44
C GLU A 444 -25.53 -12.63 1.71
N GLU A 445 -26.55 -12.02 2.30
CA GLU A 445 -27.12 -10.81 1.72
C GLU A 445 -26.20 -9.60 1.87
N ILE A 446 -25.75 -9.36 3.09
CA ILE A 446 -24.75 -8.32 3.31
C ILE A 446 -23.47 -8.88 2.75
N ARG A 447 -22.63 -8.02 2.19
CA ARG A 447 -21.52 -8.47 1.34
C ARG A 447 -20.41 -7.44 1.25
N GLN A 448 -19.29 -7.86 0.68
CA GLN A 448 -18.12 -7.00 0.54
C GLN A 448 -17.09 -7.54 -0.45
N ILE A 449 -16.29 -6.63 -0.99
CA ILE A 449 -15.01 -6.99 -1.57
C ILE A 449 -13.98 -6.30 -0.70
N SER A 450 -12.79 -6.87 -0.62
CA SER A 450 -11.80 -6.33 0.30
C SER A 450 -10.36 -6.51 -0.18
N LYS A 451 -9.55 -5.49 0.09
CA LYS A 451 -8.11 -5.55 -0.10
C LYS A 451 -7.47 -4.43 0.71
N SER A 452 -6.90 -4.82 1.85
CA SER A 452 -6.40 -3.86 2.84
C SER A 452 -7.49 -2.86 3.14
N ASP A 453 -7.15 -1.58 3.03
CA ASP A 453 -8.12 -0.52 3.21
C ASP A 453 -9.16 -0.48 2.11
N ASP A 454 -8.71 -0.65 0.86
CA ASP A 454 -9.62 -0.49 -0.27
C ASP A 454 -10.65 -1.60 -0.22
N ALA A 455 -11.91 -1.26 -0.43
CA ALA A 455 -12.97 -2.26 -0.29
C ALA A 455 -14.29 -1.74 -0.83
N MET A 456 -15.22 -2.66 -1.04
CA MET A 456 -16.60 -2.31 -1.35
C MET A 456 -17.52 -3.29 -0.67
N LEU A 457 -18.81 -3.24 -1.00
CA LEU A 457 -19.84 -3.95 -0.24
C LEU A 457 -21.04 -4.29 -1.11
N GLY A 458 -21.89 -5.23 -0.67
CA GLY A 458 -23.02 -5.65 -1.50
C GLY A 458 -24.29 -6.16 -0.82
N TRP A 459 -25.43 -6.05 -1.50
CA TRP A 459 -26.73 -6.39 -0.90
C TRP A 459 -27.82 -6.78 -1.91
N THR A 460 -28.88 -7.41 -1.41
CA THR A 460 -29.87 -8.12 -2.24
C THR A 460 -31.31 -8.21 -1.67
N LYS A 461 -32.20 -8.87 -2.42
CA LYS A 461 -33.51 -9.34 -1.91
C LYS A 461 -33.24 -10.25 -0.74
N GLY A 462 -34.12 -10.22 0.25
CA GLY A 462 -33.89 -10.94 1.48
C GLY A 462 -33.98 -9.98 2.64
N ARG A 463 -34.34 -10.49 3.80
CA ARG A 463 -34.76 -9.63 4.90
C ARG A 463 -33.58 -9.02 5.66
N ALA A 464 -32.98 -7.99 5.06
CA ALA A 464 -31.88 -7.25 5.68
C ALA A 464 -31.55 -5.90 5.00
N LEU A 465 -31.85 -5.79 3.70
CA LEU A 465 -31.33 -4.70 2.88
C LEU A 465 -31.71 -3.26 3.25
N VAL A 466 -32.92 -3.03 3.73
CA VAL A 466 -33.37 -1.67 3.94
C VAL A 466 -32.51 -0.99 5.00
N GLY A 467 -32.03 -1.77 5.95
CA GLY A 467 -31.14 -1.25 6.96
C GLY A 467 -29.79 -0.98 6.34
N GLY A 468 -29.52 -1.67 5.25
CA GLY A 468 -28.30 -1.42 4.51
C GLY A 468 -28.43 -0.05 3.89
N HIS A 469 -29.64 0.28 3.45
CA HIS A 469 -29.86 1.59 2.89
C HIS A 469 -29.66 2.62 3.98
N ARG A 470 -30.06 2.25 5.19
CA ARG A 470 -30.03 3.21 6.27
C ARG A 470 -28.61 3.53 6.67
N LEU A 471 -27.86 2.47 6.91
CA LEU A 471 -26.48 2.60 7.34
C LEU A 471 -25.72 3.29 6.24
N PHE A 472 -26.12 2.98 5.01
CA PHE A 472 -25.64 3.71 3.88
C PHE A 472 -25.85 5.18 4.06
N GLU A 473 -27.07 5.54 4.43
CA GLU A 473 -27.38 6.94 4.51
C GLU A 473 -26.57 7.64 5.56
N MET A 474 -26.45 7.00 6.71
CA MET A 474 -25.77 7.62 7.81
C MET A 474 -24.32 7.85 7.45
N LEU A 475 -23.70 6.84 6.89
CA LEU A 475 -22.30 6.95 6.55
C LEU A 475 -22.10 7.97 5.44
N LYS A 476 -23.09 8.08 4.57
CA LYS A 476 -23.03 9.05 3.49
C LYS A 476 -23.10 10.44 4.09
N GLU A 477 -23.79 10.55 5.22
CA GLU A 477 -23.80 11.79 5.95
C GLU A 477 -22.49 11.95 6.65
N GLY A 478 -22.04 10.85 7.25
CA GLY A 478 -20.72 10.81 7.86
C GLY A 478 -20.69 11.66 9.10
N LYS A 479 -21.87 12.08 9.54
CA LYS A 479 -21.98 13.04 10.62
C LYS A 479 -21.45 12.47 11.92
N VAL A 480 -21.64 11.17 12.10
CA VAL A 480 -21.08 10.43 13.22
C VAL A 480 -20.70 9.05 12.70
N ASN A 481 -19.54 8.56 13.11
CA ASN A 481 -19.12 7.23 12.71
C ASN A 481 -19.35 6.23 13.83
N PRO A 482 -20.21 5.24 13.57
CA PRO A 482 -20.45 4.12 14.48
C PRO A 482 -19.17 3.33 14.74
N SER A 483 -18.26 3.29 13.77
CA SER A 483 -17.02 2.55 13.94
C SER A 483 -16.18 3.14 15.06
N PRO A 484 -15.81 2.28 16.03
CA PRO A 484 -14.94 2.62 17.14
C PRO A 484 -13.57 2.02 16.95
N TYR A 485 -13.07 2.03 15.73
CA TYR A 485 -11.77 1.47 15.45
C TYR A 485 -11.19 2.26 14.30
N MET A 486 -12.09 2.90 13.57
CA MET A 486 -11.73 3.64 12.37
C MET A 486 -12.67 4.79 12.05
N LYS A 487 -12.14 5.79 11.34
CA LYS A 487 -12.96 6.82 10.74
C LYS A 487 -13.30 6.41 9.32
N ILE A 488 -14.28 5.53 9.19
CA ILE A 488 -14.62 5.03 7.87
C ILE A 488 -15.76 5.79 7.28
N SER A 489 -15.42 6.65 6.34
CA SER A 489 -16.41 7.33 5.56
C SER A 489 -16.76 6.48 4.36
N TYR A 490 -17.76 6.93 3.63
CA TYR A 490 -17.92 6.54 2.24
C TYR A 490 -16.88 7.32 1.48
N GLU A 491 -16.39 6.79 0.37
CA GLU A 491 -15.60 7.63 -0.49
C GLU A 491 -16.49 8.23 -1.54
N HIS A 492 -16.73 9.52 -1.44
CA HIS A 492 -17.35 10.18 -2.55
C HIS A 492 -16.30 10.06 -3.64
N GLY A 493 -16.71 9.71 -4.84
CA GLY A 493 -15.73 9.39 -5.84
C GLY A 493 -15.04 8.09 -5.47
N GLY A 494 -15.81 7.16 -4.92
CA GLY A 494 -15.27 5.88 -4.52
C GLY A 494 -14.83 5.00 -5.69
N ALA A 495 -13.86 4.13 -5.40
CA ALA A 495 -13.32 3.18 -6.38
C ALA A 495 -12.64 2.03 -5.66
N PHE A 496 -12.32 0.96 -6.39
CA PHE A 496 -11.61 -0.15 -5.77
C PHE A 496 -10.39 -0.52 -6.60
N LEU A 497 -9.21 -0.17 -6.10
CA LEU A 497 -7.97 -0.40 -6.83
C LEU A 497 -7.98 0.29 -8.19
N GLY A 498 -8.64 1.42 -8.25
CA GLY A 498 -8.74 2.16 -9.49
C GLY A 498 -9.85 1.64 -10.36
N ASP A 499 -10.53 0.61 -9.88
CA ASP A 499 -11.73 0.13 -10.54
C ASP A 499 -12.84 1.05 -10.17
N ILE A 500 -13.02 2.09 -10.95
CA ILE A 500 -14.03 3.06 -10.62
C ILE A 500 -15.36 2.54 -11.08
N LEU A 501 -16.12 2.01 -10.14
CA LEU A 501 -17.46 1.57 -10.45
C LEU A 501 -18.27 2.74 -10.92
N LEU A 502 -18.98 2.54 -12.01
CA LEU A 502 -19.80 3.57 -12.57
C LEU A 502 -21.23 3.20 -12.30
N TYR A 503 -22.10 4.19 -12.31
CA TYR A 503 -23.52 3.98 -12.13
C TYR A 503 -24.24 4.75 -13.21
N ASP A 504 -25.40 4.26 -13.62
CA ASP A 504 -26.20 4.99 -14.58
C ASP A 504 -27.27 5.78 -13.83
N SER A 505 -28.33 6.16 -14.54
CA SER A 505 -29.39 6.96 -13.94
C SER A 505 -30.04 6.20 -12.81
N ARG A 506 -30.12 4.89 -12.98
CA ARG A 506 -30.70 4.04 -11.97
C ARG A 506 -29.78 3.94 -10.78
N ARG A 507 -28.49 4.22 -11.02
CA ARG A 507 -27.50 4.19 -9.96
C ARG A 507 -27.51 2.85 -9.26
N GLU A 508 -27.08 1.81 -9.97
CA GLU A 508 -27.21 0.45 -9.46
C GLU A 508 -25.91 -0.31 -9.58
N PRO A 509 -25.68 -1.27 -8.68
CA PRO A 509 -24.54 -2.18 -8.87
C PRO A 509 -24.70 -2.90 -10.20
N GLY A 510 -25.94 -3.18 -10.57
CA GLY A 510 -26.23 -3.75 -11.87
C GLY A 510 -26.29 -2.71 -12.97
N SER A 511 -26.13 -1.44 -12.62
CA SER A 511 -26.22 -0.36 -13.59
C SER A 511 -24.97 -0.27 -14.44
N ALA A 512 -24.27 0.84 -14.30
CA ALA A 512 -23.01 1.01 -14.99
C ALA A 512 -21.92 0.30 -14.19
N ILE A 513 -20.65 0.56 -14.49
CA ILE A 513 -19.60 -0.41 -14.20
C ILE A 513 -18.21 0.15 -13.93
N PHE A 514 -17.34 -0.66 -13.33
CA PHE A 514 -15.93 -0.35 -13.20
C PHE A 514 -15.32 0.24 -14.44
N VAL A 515 -14.27 1.03 -14.23
CA VAL A 515 -13.41 1.45 -15.31
C VAL A 515 -11.99 1.53 -14.77
N GLY A 516 -11.02 1.21 -15.61
CA GLY A 516 -9.64 1.53 -15.29
C GLY A 516 -9.46 3.02 -15.43
N ASN A 517 -9.04 3.68 -14.36
CA ASN A 517 -8.96 5.14 -14.39
C ASN A 517 -7.92 5.59 -15.40
N ILE A 518 -8.31 6.61 -16.15
CA ILE A 518 -7.52 7.09 -17.24
C ILE A 518 -6.68 8.25 -16.71
N ASN A 519 -7.23 8.96 -15.74
CA ASN A 519 -6.49 10.01 -15.09
C ASN A 519 -5.33 9.33 -14.36
N SER A 520 -5.63 8.14 -13.86
CA SER A 520 -4.61 7.34 -13.23
C SER A 520 -3.58 6.94 -14.26
N MET A 521 -4.03 6.75 -15.50
CA MET A 521 -3.08 6.47 -16.55
C MET A 521 -2.17 7.65 -16.70
N LEU A 522 -2.75 8.84 -16.59
CA LEU A 522 -2.00 10.04 -16.81
C LEU A 522 -0.93 10.09 -15.75
N ASN A 523 -1.29 9.59 -14.58
CA ASN A 523 -0.38 9.52 -13.47
C ASN A 523 0.74 8.58 -13.83
N ASN A 524 0.36 7.47 -14.44
CA ASN A 524 1.31 6.43 -14.76
C ASN A 524 2.33 7.01 -15.71
N GLN A 525 1.86 7.93 -16.54
CA GLN A 525 2.68 8.57 -17.52
C GLN A 525 3.64 9.50 -16.83
N PHE A 526 3.10 10.29 -15.93
CA PHE A 526 3.69 11.57 -15.60
C PHE A 526 3.77 11.78 -14.10
N SER A 527 2.83 11.18 -13.38
CA SER A 527 2.80 11.33 -11.93
C SER A 527 2.76 9.97 -11.26
N PRO A 528 3.92 9.32 -11.19
CA PRO A 528 4.13 8.03 -10.54
C PRO A 528 4.91 8.20 -9.25
N GLU A 529 6.23 8.08 -9.34
CA GLU A 529 7.11 8.46 -8.24
C GLU A 529 8.59 8.41 -8.61
N TYR A 530 9.08 7.24 -9.00
CA TYR A 530 10.51 7.01 -9.08
C TYR A 530 11.20 7.24 -10.42
N GLY A 531 12.50 7.52 -10.33
CA GLY A 531 13.39 7.47 -11.47
C GLY A 531 13.90 6.04 -11.61
N VAL A 532 14.74 5.81 -12.60
CA VAL A 532 15.26 4.47 -12.84
C VAL A 532 16.67 4.27 -12.32
N GLN A 533 17.43 5.37 -12.23
CA GLN A 533 18.89 5.31 -12.18
C GLN A 533 19.38 4.52 -13.40
N SER A 534 19.46 5.19 -14.53
CA SER A 534 19.82 4.56 -15.79
C SER A 534 21.27 4.08 -15.78
N GLY A 535 22.07 4.62 -14.87
CA GLY A 535 23.48 4.30 -14.82
C GLY A 535 23.83 2.93 -14.23
N VAL A 536 23.08 1.91 -14.62
CA VAL A 536 23.34 0.54 -14.21
C VAL A 536 23.07 -0.38 -15.40
N ARG A 537 23.93 -1.39 -15.58
CA ARG A 537 23.80 -2.32 -16.70
C ARG A 537 22.50 -3.11 -16.69
N ASP A 538 22.02 -3.42 -15.49
CA ASP A 538 20.80 -4.18 -15.38
C ASP A 538 19.67 -3.30 -14.89
N ARG A 539 18.49 -3.49 -15.45
CA ARG A 539 17.35 -2.70 -15.01
C ARG A 539 16.69 -3.32 -13.79
N SER A 540 17.19 -4.47 -13.35
CA SER A 540 16.59 -5.16 -12.23
C SER A 540 16.64 -4.30 -10.98
N LYS A 541 17.72 -3.53 -10.85
CA LYS A 541 17.84 -2.58 -9.77
C LYS A 541 16.86 -1.43 -9.95
N ARG A 542 16.57 -1.11 -11.21
CA ARG A 542 15.85 0.10 -11.55
C ARG A 542 14.41 0.04 -11.05
N LYS A 543 13.94 1.16 -10.53
CA LYS A 543 12.62 1.23 -9.93
C LYS A 543 11.52 0.95 -10.93
N ARG A 544 11.75 1.36 -12.17
CA ARG A 544 10.69 1.40 -13.17
C ARG A 544 11.18 0.99 -14.54
N PRO A 545 11.04 -0.30 -14.86
CA PRO A 545 11.53 -0.92 -16.09
C PRO A 545 11.05 -0.29 -17.39
N PHE A 546 9.84 -0.64 -17.80
CA PHE A 546 9.45 -0.47 -19.18
C PHE A 546 8.13 0.25 -19.36
N PRO A 547 8.15 1.58 -19.21
CA PRO A 547 6.99 2.44 -19.35
C PRO A 547 6.32 2.35 -20.72
N GLY A 548 7.10 2.12 -21.78
CA GLY A 548 6.54 2.13 -23.12
C GLY A 548 5.49 1.04 -23.25
N LEU A 549 5.66 0.00 -22.45
CA LEU A 549 4.68 -1.08 -22.42
C LEU A 549 3.29 -0.54 -22.15
N ALA A 550 3.19 0.30 -21.12
CA ALA A 550 1.89 0.80 -20.69
C ALA A 550 1.25 1.57 -21.81
N TRP A 551 2.12 2.22 -22.59
CA TRP A 551 1.70 2.95 -23.76
C TRP A 551 0.84 2.04 -24.60
N ALA A 552 1.46 0.97 -25.07
CA ALA A 552 0.76 0.02 -25.92
C ALA A 552 -0.40 -0.59 -25.16
N SER A 553 -0.25 -0.74 -23.85
CA SER A 553 -1.24 -1.50 -23.10
C SER A 553 -2.43 -0.62 -22.81
N MET A 554 -2.32 0.65 -23.18
CA MET A 554 -3.25 1.64 -22.72
C MET A 554 -4.73 1.30 -22.91
N LYS A 555 -5.14 0.96 -24.13
CA LYS A 555 -6.54 0.55 -24.34
C LYS A 555 -6.82 -0.73 -23.60
N ASP A 556 -5.85 -1.61 -23.67
CA ASP A 556 -5.91 -2.89 -23.02
C ASP A 556 -5.96 -2.62 -21.53
N THR A 557 -5.41 -1.48 -21.13
CA THR A 557 -5.36 -1.10 -19.73
C THR A 557 -6.58 -0.28 -19.37
N TYR A 558 -6.45 1.04 -19.48
CA TYR A 558 -7.44 1.96 -18.98
C TYR A 558 -8.36 2.40 -20.10
N GLY A 559 -8.35 1.61 -21.17
CA GLY A 559 -9.29 1.81 -22.25
C GLY A 559 -10.64 1.35 -21.76
N ALA A 560 -10.62 0.75 -20.59
CA ALA A 560 -11.81 0.45 -19.84
C ALA A 560 -12.55 1.74 -19.57
N CYS A 561 -11.82 2.85 -19.47
CA CYS A 561 -12.46 4.14 -19.41
C CYS A 561 -13.02 4.42 -20.80
N PRO A 562 -14.34 4.70 -20.86
CA PRO A 562 -15.07 4.82 -22.13
C PRO A 562 -14.51 5.91 -23.02
N ILE A 563 -14.07 6.97 -22.36
CA ILE A 563 -13.73 8.21 -23.04
C ILE A 563 -12.27 8.17 -23.46
N TYR A 564 -11.62 7.08 -23.08
CA TYR A 564 -10.31 6.66 -23.56
C TYR A 564 -9.72 7.42 -24.74
N SER A 565 -10.25 7.16 -25.92
CA SER A 565 -9.62 7.62 -27.14
C SER A 565 -9.55 9.13 -27.17
N ASP A 566 -10.52 9.78 -26.56
CA ASP A 566 -10.49 11.23 -26.48
C ASP A 566 -9.31 11.64 -25.65
N VAL A 567 -8.98 10.83 -24.66
CA VAL A 567 -7.82 11.11 -23.84
C VAL A 567 -6.60 11.00 -24.73
N LEU A 568 -6.66 10.05 -25.66
CA LEU A 568 -5.55 9.89 -26.59
C LEU A 568 -5.39 11.14 -27.41
N GLU A 569 -6.54 11.69 -27.79
CA GLU A 569 -6.60 12.88 -28.61
C GLU A 569 -5.83 13.91 -27.86
N ALA A 570 -6.24 14.08 -26.62
CA ALA A 570 -5.75 15.17 -25.80
C ALA A 570 -4.26 15.03 -25.57
N ILE A 571 -3.78 13.81 -25.41
CA ILE A 571 -2.40 13.65 -25.04
C ILE A 571 -1.52 13.94 -26.22
N GLU A 572 -1.85 13.32 -27.35
CA GLU A 572 -1.03 13.49 -28.51
C GLU A 572 -1.06 14.95 -28.93
N ARG A 573 -2.25 15.54 -28.82
CA ARG A 573 -2.47 16.91 -29.21
C ARG A 573 -1.62 17.84 -28.38
N CYS A 574 -1.74 17.68 -27.07
CA CYS A 574 -1.07 18.55 -26.14
C CYS A 574 0.43 18.40 -26.24
N TRP A 575 0.88 17.23 -26.68
CA TRP A 575 2.32 17.01 -26.86
C TRP A 575 2.81 17.74 -28.10
N TRP A 576 2.00 17.71 -29.15
CA TRP A 576 2.29 18.54 -30.32
C TRP A 576 2.18 20.00 -29.96
N ASN A 577 1.50 20.26 -28.87
CA ASN A 577 1.40 21.59 -28.34
C ASN A 577 2.54 21.83 -27.37
N ALA A 578 3.29 20.77 -27.09
CA ALA A 578 4.32 20.85 -26.05
C ALA A 578 5.67 20.87 -26.69
N PHE A 579 6.17 19.69 -26.99
CA PHE A 579 7.44 19.58 -27.67
C PHE A 579 7.14 19.59 -29.15
N GLY A 580 5.86 19.74 -29.47
CA GLY A 580 5.47 19.97 -30.84
C GLY A 580 5.69 18.74 -31.68
N GLU A 581 5.67 17.58 -31.03
CA GLU A 581 6.02 16.36 -31.74
C GLU A 581 5.10 15.19 -31.42
N SER A 582 5.51 14.01 -31.88
CA SER A 582 4.73 12.79 -31.72
C SER A 582 5.06 12.00 -30.46
N TYR A 583 4.33 12.30 -29.38
CA TYR A 583 4.44 11.52 -28.16
C TYR A 583 3.99 10.13 -28.48
N ARG A 584 3.16 10.06 -29.50
CA ARG A 584 2.85 8.81 -30.15
C ARG A 584 4.14 8.11 -30.47
N ALA A 585 4.81 8.54 -31.54
CA ALA A 585 5.99 7.84 -32.01
C ALA A 585 7.06 7.82 -30.94
N TYR A 586 7.09 8.85 -30.12
CA TYR A 586 8.01 8.91 -29.00
C TYR A 586 7.88 7.69 -28.13
N ARG A 587 6.71 7.56 -27.53
CA ARG A 587 6.40 6.45 -26.65
C ARG A 587 6.41 5.11 -27.33
N GLU A 588 6.10 5.10 -28.62
CA GLU A 588 6.14 3.87 -29.39
C GLU A 588 7.56 3.38 -29.38
N ASP A 589 8.47 4.29 -29.70
CA ASP A 589 9.88 3.97 -29.77
C ASP A 589 10.41 3.63 -28.40
N MET A 590 9.79 4.21 -27.38
CA MET A 590 10.13 3.87 -26.02
C MET A 590 9.75 2.45 -25.71
N LEU A 591 8.59 2.04 -26.23
CA LEU A 591 8.14 0.67 -26.13
C LEU A 591 9.08 -0.27 -26.86
N LYS A 592 9.55 0.21 -27.99
CA LYS A 592 10.40 -0.59 -28.85
C LYS A 592 11.68 -0.85 -28.12
N ARG A 593 12.20 0.22 -27.54
CA ARG A 593 13.41 0.15 -26.75
C ARG A 593 13.19 -0.68 -25.50
N ASP A 594 11.95 -0.73 -25.01
CA ASP A 594 11.65 -1.60 -23.89
C ASP A 594 11.84 -3.04 -24.32
N THR A 595 11.35 -3.34 -25.52
CA THR A 595 11.48 -4.68 -26.07
C THR A 595 12.95 -5.00 -26.31
N LEU A 596 13.72 -3.99 -26.69
CA LEU A 596 15.12 -4.16 -27.00
C LEU A 596 15.88 -4.52 -25.74
N GLU A 597 15.61 -3.72 -24.73
CA GLU A 597 16.28 -3.83 -23.45
C GLU A 597 15.97 -5.15 -22.80
N LEU A 598 14.68 -5.49 -22.83
CA LEU A 598 14.22 -6.71 -22.21
C LEU A 598 14.69 -7.92 -22.99
N SER A 599 14.95 -7.72 -24.28
CA SER A 599 15.21 -8.83 -25.17
C SER A 599 16.38 -9.66 -24.68
N ARG A 600 17.50 -9.00 -24.40
CA ARG A 600 18.64 -9.70 -23.85
C ARG A 600 18.38 -10.18 -22.43
N TYR A 601 17.51 -9.47 -21.73
CA TYR A 601 17.17 -9.87 -20.37
C TYR A 601 16.48 -11.22 -20.38
N VAL A 602 15.80 -11.52 -21.48
CA VAL A 602 14.98 -12.72 -21.56
C VAL A 602 15.60 -13.75 -22.49
N ALA A 603 15.45 -15.03 -22.15
CA ALA A 603 15.99 -16.11 -22.96
C ALA A 603 14.89 -16.93 -23.64
N SER A 604 14.03 -17.55 -22.85
CA SER A 604 13.04 -18.51 -23.37
C SER A 604 12.09 -17.85 -24.35
N MET A 605 11.80 -16.57 -24.11
CA MET A 605 11.14 -15.77 -25.13
C MET A 605 12.25 -15.46 -26.09
N ALA A 606 12.49 -16.39 -27.01
CA ALA A 606 13.70 -16.42 -27.81
C ALA A 606 13.84 -15.13 -28.58
N ARG A 607 15.05 -14.57 -28.56
CA ARG A 607 15.35 -13.25 -29.13
C ARG A 607 14.21 -12.26 -28.89
N GLN A 608 13.88 -11.47 -29.90
CA GLN A 608 12.75 -10.55 -29.80
C GLN A 608 11.50 -11.23 -30.36
N ALA A 609 11.07 -12.30 -29.69
CA ALA A 609 9.99 -13.15 -30.17
C ALA A 609 8.67 -12.40 -30.24
N GLY A 610 8.52 -11.38 -29.41
CA GLY A 610 7.25 -10.73 -29.26
C GLY A 610 6.77 -10.90 -27.84
N LEU A 611 5.71 -10.17 -27.50
CA LEU A 611 5.33 -10.03 -26.10
C LEU A 611 4.18 -10.96 -25.72
N ALA A 612 3.93 -11.96 -26.56
CA ALA A 612 2.79 -12.84 -26.41
C ALA A 612 2.81 -13.66 -25.12
N GLU A 613 4.00 -13.89 -24.57
CA GLU A 613 4.13 -14.67 -23.33
C GLU A 613 3.57 -13.95 -22.10
N LEU A 614 3.45 -12.64 -22.20
CA LEU A 614 3.14 -11.81 -21.04
C LEU A 614 1.68 -11.36 -21.00
N THR A 615 1.02 -11.53 -19.86
CA THR A 615 -0.39 -11.17 -19.78
C THR A 615 -0.49 -9.68 -19.75
N PRO A 616 -1.59 -9.14 -20.28
CA PRO A 616 -1.79 -7.69 -20.22
C PRO A 616 -1.72 -7.21 -18.80
N ILE A 617 -2.18 -8.04 -17.86
CA ILE A 617 -1.97 -7.76 -16.47
C ILE A 617 -0.49 -7.83 -16.14
N ASP A 618 0.16 -8.89 -16.58
CA ASP A 618 1.59 -9.01 -16.31
C ASP A 618 2.29 -7.92 -17.09
N LEU A 619 1.70 -7.49 -18.20
CA LEU A 619 2.25 -6.35 -18.90
C LEU A 619 2.18 -5.12 -18.01
N GLU A 620 1.09 -5.02 -17.25
CA GLU A 620 0.93 -3.91 -16.33
C GLU A 620 1.96 -4.05 -15.24
N VAL A 621 2.35 -5.29 -14.97
CA VAL A 621 3.30 -5.59 -13.93
C VAL A 621 4.71 -5.36 -14.48
N LEU A 622 4.84 -5.20 -15.78
CA LEU A 622 6.17 -5.04 -16.36
C LEU A 622 6.48 -3.58 -16.66
N ALA A 623 5.48 -2.82 -17.06
CA ALA A 623 5.61 -1.38 -17.00
C ALA A 623 5.71 -0.97 -15.53
N ASP A 624 4.98 -1.69 -14.69
CA ASP A 624 4.84 -1.36 -13.27
C ASP A 624 5.04 -2.57 -12.36
N PRO A 625 6.27 -3.04 -12.21
CA PRO A 625 6.61 -4.02 -11.18
C PRO A 625 6.35 -3.49 -9.79
N ASN A 626 6.46 -2.17 -9.66
CA ASN A 626 6.61 -1.54 -8.36
C ASN A 626 5.40 -1.75 -7.44
N LYS A 627 4.20 -1.73 -8.00
CA LYS A 627 3.02 -1.88 -7.16
C LYS A 627 2.89 -3.30 -6.68
N LEU A 628 3.61 -4.22 -7.31
CA LEU A 628 3.64 -5.59 -6.84
C LEU A 628 4.15 -5.60 -5.41
N GLN A 629 4.91 -4.57 -5.07
CA GLN A 629 5.34 -4.40 -3.70
C GLN A 629 4.27 -3.75 -2.82
N TYR A 630 3.17 -3.28 -3.41
CA TYR A 630 2.08 -2.80 -2.58
C TYR A 630 0.72 -2.87 -3.28
N LYS A 631 0.61 -3.74 -4.27
CA LYS A 631 -0.65 -3.97 -4.97
C LYS A 631 -0.73 -5.41 -5.41
N TRP A 632 -0.02 -5.76 -6.48
CA TRP A 632 -0.03 -7.13 -6.96
C TRP A 632 0.57 -8.07 -5.92
N THR A 633 -0.05 -9.23 -5.73
CA THR A 633 0.58 -10.30 -4.97
C THR A 633 1.57 -11.02 -5.88
N GLU A 634 2.55 -11.66 -5.27
CA GLU A 634 3.68 -12.20 -6.02
C GLU A 634 3.32 -13.20 -7.10
N ALA A 635 2.34 -14.06 -6.80
CA ALA A 635 2.05 -15.18 -7.68
C ALA A 635 1.53 -14.71 -9.03
N ASP A 636 1.04 -13.48 -9.06
CA ASP A 636 0.31 -12.95 -10.20
C ASP A 636 1.11 -12.97 -11.49
N VAL A 637 2.42 -12.76 -11.36
CA VAL A 637 3.26 -12.63 -12.53
C VAL A 637 3.39 -13.97 -13.23
N SER A 638 3.46 -13.96 -14.56
CA SER A 638 3.80 -15.16 -15.30
C SER A 638 5.20 -15.55 -14.90
N ALA A 639 5.42 -16.87 -14.78
CA ALA A 639 6.58 -17.40 -14.07
C ALA A 639 7.90 -16.90 -14.64
N ASN A 640 7.89 -16.57 -15.93
CA ASN A 640 9.10 -16.11 -16.59
C ASN A 640 9.72 -14.89 -15.91
N ILE A 641 9.12 -13.72 -16.08
CA ILE A 641 9.67 -12.52 -15.49
C ILE A 641 9.47 -12.57 -13.99
N HIS A 642 8.52 -13.39 -13.57
CA HIS A 642 8.24 -13.62 -12.17
C HIS A 642 9.57 -14.00 -11.54
N GLU A 643 10.20 -14.99 -12.15
CA GLU A 643 11.54 -15.39 -11.79
C GLU A 643 12.58 -14.37 -12.15
N VAL A 644 12.34 -13.59 -13.19
CA VAL A 644 13.28 -12.54 -13.50
C VAL A 644 13.24 -11.56 -12.35
N LEU A 645 12.04 -11.39 -11.79
CA LEU A 645 11.86 -10.50 -10.67
C LEU A 645 12.18 -11.18 -9.37
N MET A 646 11.72 -12.42 -9.23
CA MET A 646 11.76 -13.08 -7.94
C MET A 646 12.71 -14.26 -8.02
N HIS A 647 13.15 -14.75 -6.87
CA HIS A 647 13.86 -16.02 -6.87
C HIS A 647 13.25 -16.94 -5.83
N GLY A 648 13.36 -18.24 -6.10
CA GLY A 648 12.76 -19.25 -5.26
C GLY A 648 13.47 -19.44 -3.94
N VAL A 649 12.76 -20.05 -3.01
CA VAL A 649 13.31 -20.38 -1.70
C VAL A 649 12.84 -21.79 -1.39
N SER A 650 13.68 -22.54 -0.69
CA SER A 650 13.45 -23.97 -0.50
C SER A 650 12.13 -24.24 0.19
N VAL A 651 11.38 -25.19 -0.37
CA VAL A 651 10.11 -25.57 0.21
C VAL A 651 10.32 -26.32 1.51
N GLU A 652 11.47 -26.97 1.62
CA GLU A 652 11.69 -27.96 2.66
C GLU A 652 12.01 -27.31 3.99
N LYS A 653 12.94 -26.37 3.92
CA LYS A 653 13.43 -25.72 5.11
C LYS A 653 12.28 -24.95 5.69
N THR A 654 11.58 -24.26 4.80
CA THR A 654 10.39 -23.51 5.15
C THR A 654 9.31 -24.44 5.66
N GLU A 655 9.31 -25.66 5.13
CA GLU A 655 8.30 -26.64 5.48
C GLU A 655 8.40 -26.99 6.92
N ARG A 656 9.51 -27.60 7.28
CA ARG A 656 9.72 -28.03 8.65
C ARG A 656 9.68 -26.83 9.56
N PHE A 657 10.16 -25.71 9.03
CA PHE A 657 10.14 -24.47 9.79
C PHE A 657 8.74 -24.12 10.21
N LEU A 658 7.82 -24.16 9.26
CA LEU A 658 6.42 -23.91 9.57
C LEU A 658 5.89 -24.96 10.48
N ARG A 659 6.39 -26.18 10.32
CA ARG A 659 5.90 -27.28 11.12
C ARG A 659 6.18 -26.96 12.57
N SER A 660 7.29 -26.26 12.80
CA SER A 660 7.60 -25.76 14.12
C SER A 660 6.71 -24.58 14.47
N VAL A 661 6.60 -23.64 13.53
CA VAL A 661 5.85 -22.41 13.78
C VAL A 661 4.39 -22.74 13.97
N MET A 662 3.88 -23.60 13.11
CA MET A 662 2.50 -24.02 13.18
C MET A 662 2.33 -24.85 14.43
N PRO A 663 1.13 -24.85 15.01
CA PRO A 663 0.84 -25.89 15.99
C PRO A 663 0.95 -27.22 15.29
N ARG A 664 2.19 -27.64 15.04
CA ARG A 664 2.51 -28.70 14.09
C ARG A 664 2.22 -28.17 12.69
MN MN B . -9.96 1.29 -6.99
#